data_9LKX
#
_entry.id   9LKX
#
_cell.length_a   1.00
_cell.length_b   1.00
_cell.length_c   1.00
_cell.angle_alpha   90.00
_cell.angle_beta   90.00
_cell.angle_gamma   90.00
#
_symmetry.space_group_name_H-M   'P 1'
#
loop_
_entity.id
_entity.type
_entity.pdbx_description
1 polymer 'Protein fem-1 homolog B'
2 polymer 'Mitochondrial cardiolipin hydrolase'
#
loop_
_entity_poly.entity_id
_entity_poly.type
_entity_poly.pdbx_seq_one_letter_code
_entity_poly.pdbx_strand_id
1 'polypeptide(L)'
;MEGLAGYVYKAASEGKVLTLAALLLNRSESDIRYLLGYVSQQGGQRSTPLIIAARNGHAKVVRLLLEHYRVQTQQTGTVR
FDGYVIDGATALWCAAGAGHFEVVKLLVSHGANVNHTTVTNSTPLRAACFDGRLDIVKYLVENNANISIANKYDNTCLMI
AAYKGHTDVVRYLLEQRADPNAKAHCGATALHFAAEAGHIDIVKELIKWRAAIVVNGHGMTPLKVAAESCKADVVELLLS
HADCDRRSRIEALELLGASFANDRENYDIIKTYHYLYLAMLERFQDGDNILEKEVLPPIHAYGNRTECRNPQELESIRQD
RDALHMEGLIVRERILGADNIDVSHPIIYRGAVYADNMEFEQCIKLWLHALHLRQKGNRNTHKDLLRFAQVFSQMIHLNE
TVKAPDIECVLRCSVLEIEQSMNRVKNISDADVHNAMDNYECNLYTFLYLVCISTKTQCSEEDQCKINKQIYNLIHLDPR
TREGFTLLHLAVNSNTPVDDFHTNDVCSFPNALVTKLLLDCGAEVNAVDNEGNSALHIIVQYNRPISDFLTLHSIIISLV
EAGAHTDMTNKQNKTPLDKSTTGVSEILLKTQMKMSLKCLAARAVRANDINYQDQIPRTLEEFVGFH
;
J
2 'polypeptide(L)'
;RPRREALFFPSQVTCTEALLRAPGAELAELPEGCPCGLPHGESALSRLLRALLAARASLDLCLFAFSSPQLGRAVQLLHQ
RGVRVRVVTDCDYMALNGSQIGLLRKAGIQVRHDQDPGYMHHKFAIVDKRVLITGSLNWTTQAIQNNRENVLITEDDEYV
RLFLEEFERIWEQFNPTKYTFFPPKKSHGSCAPPVSRAGGRLLS
;
K
#
# COMPACT_ATOMS: atom_id res chain seq x y z
N MET A 1 -11.22 -18.71 38.40
CA MET A 1 -10.18 -17.76 38.77
C MET A 1 -9.89 -16.82 37.62
N GLU A 2 -9.96 -17.34 36.39
CA GLU A 2 -9.72 -16.52 35.21
C GLU A 2 -10.83 -15.49 35.01
N GLY A 3 -12.09 -15.89 35.23
CA GLY A 3 -13.19 -14.97 35.09
C GLY A 3 -13.16 -13.85 36.10
N LEU A 4 -12.62 -14.12 37.30
CA LEU A 4 -12.52 -13.09 38.33
C LEU A 4 -11.60 -11.95 37.87
N ALA A 5 -10.48 -12.28 37.23
CA ALA A 5 -9.59 -11.24 36.72
C ALA A 5 -10.13 -10.64 35.42
N GLY A 6 -10.83 -11.43 34.61
CA GLY A 6 -11.43 -10.91 33.40
C GLY A 6 -12.50 -9.86 33.68
N TYR A 7 -13.29 -10.05 34.74
CA TYR A 7 -14.27 -9.04 35.13
C TYR A 7 -13.61 -7.76 35.61
N VAL A 8 -12.48 -7.87 36.32
CA VAL A 8 -11.73 -6.68 36.72
C VAL A 8 -11.19 -5.95 35.49
N TYR A 9 -10.68 -6.71 34.51
CA TYR A 9 -10.20 -6.09 33.28
C TYR A 9 -11.33 -5.38 32.54
N LYS A 10 -12.51 -6.00 32.49
CA LYS A 10 -13.66 -5.36 31.85
C LYS A 10 -14.09 -4.11 32.60
N ALA A 11 -14.08 -4.16 33.94
CA ALA A 11 -14.48 -3.03 34.76
C ALA A 11 -13.43 -1.93 34.83
N ALA A 12 -12.21 -2.21 34.36
CA ALA A 12 -11.18 -1.17 34.31
C ALA A 12 -11.61 -0.02 33.41
N SER A 13 -12.23 -0.33 32.26
CA SER A 13 -12.81 0.72 31.44
C SER A 13 -14.00 1.38 32.12
N GLU A 14 -14.76 0.61 32.89
CA GLU A 14 -15.93 1.12 33.58
C GLU A 14 -15.51 1.79 34.89
N GLY A 15 -16.48 2.13 35.73
CA GLY A 15 -16.18 2.71 37.02
C GLY A 15 -16.78 1.93 38.18
N LYS A 16 -15.92 1.31 38.98
CA LYS A 16 -16.32 0.53 40.14
C LYS A 16 -15.41 0.86 41.32
N VAL A 17 -15.25 2.16 41.59
CA VAL A 17 -14.26 2.62 42.56
C VAL A 17 -14.59 2.10 43.96
N LEU A 18 -15.86 2.15 44.36
CA LEU A 18 -16.28 1.59 45.63
C LEU A 18 -17.18 0.37 45.44
N THR A 19 -17.12 -0.27 44.28
CA THR A 19 -17.88 -1.49 44.00
C THR A 19 -16.99 -2.73 43.95
N LEU A 20 -15.77 -2.60 43.45
CA LEU A 20 -14.82 -3.70 43.31
C LEU A 20 -14.21 -4.12 44.66
N ALA A 21 -14.63 -3.49 45.77
CA ALA A 21 -14.08 -3.82 47.07
C ALA A 21 -14.46 -5.24 47.50
N ALA A 22 -15.66 -5.69 47.15
CA ALA A 22 -16.10 -7.03 47.54
C ALA A 22 -15.24 -8.12 46.91
N LEU A 23 -14.63 -7.84 45.76
CA LEU A 23 -13.82 -8.85 45.09
C LEU A 23 -12.46 -9.03 45.75
N LEU A 24 -11.96 -8.02 46.46
CA LEU A 24 -10.61 -8.08 47.01
C LEU A 24 -10.57 -8.20 48.53
N LEU A 25 -11.57 -7.72 49.25
CA LEU A 25 -11.61 -7.90 50.70
C LEU A 25 -11.81 -9.37 51.04
N ASN A 26 -10.95 -9.89 51.93
CA ASN A 26 -10.91 -11.30 52.32
C ASN A 26 -10.71 -12.20 51.10
N ARG A 27 -9.83 -11.78 50.20
CA ARG A 27 -9.42 -12.57 49.04
C ARG A 27 -8.05 -13.19 49.33
N SER A 28 -7.62 -14.09 48.43
CA SER A 28 -6.34 -14.76 48.57
C SER A 28 -5.20 -13.79 48.26
N GLU A 29 -3.97 -14.28 48.46
CA GLU A 29 -2.77 -13.47 48.29
C GLU A 29 -1.86 -13.96 47.17
N SER A 30 -1.82 -15.27 46.92
CA SER A 30 -0.91 -15.81 45.92
C SER A 30 -1.30 -15.47 44.49
N ASP A 31 -2.51 -14.97 44.27
CA ASP A 31 -2.97 -14.60 42.93
C ASP A 31 -2.74 -13.12 42.63
N ILE A 32 -1.89 -12.44 43.41
CA ILE A 32 -1.65 -11.02 43.18
C ILE A 32 -0.95 -10.81 41.84
N ARG A 33 0.07 -11.62 41.55
CA ARG A 33 0.82 -11.46 40.31
C ARG A 33 0.02 -11.84 39.08
N TYR A 34 -1.12 -12.51 39.24
CA TYR A 34 -2.00 -12.81 38.11
C TYR A 34 -3.19 -11.87 38.02
N LEU A 35 -3.59 -11.26 39.14
CA LEU A 35 -4.68 -10.30 39.12
C LEU A 35 -4.18 -8.89 38.77
N LEU A 36 -3.21 -8.38 39.52
CA LEU A 36 -2.61 -7.10 39.19
C LEU A 36 -1.76 -7.21 37.93
N GLY A 37 -1.06 -8.32 37.76
CA GLY A 37 -0.30 -8.57 36.56
C GLY A 37 -1.10 -9.31 35.51
N TYR A 38 -2.30 -8.83 35.23
CA TYR A 38 -3.20 -9.46 34.28
C TYR A 38 -3.01 -8.76 32.93
N VAL A 39 -2.47 -9.51 31.96
CA VAL A 39 -1.86 -8.94 30.75
C VAL A 39 -2.74 -9.19 29.54
N SER A 40 -4.05 -9.21 29.74
CA SER A 40 -4.95 -9.77 28.74
C SER A 40 -5.09 -8.86 27.52
N GLN A 41 -5.92 -9.31 26.59
CA GLN A 41 -6.22 -8.58 25.35
C GLN A 41 -7.72 -8.53 25.18
N GLN A 42 -8.28 -7.31 25.19
CA GLN A 42 -9.71 -7.11 24.96
C GLN A 42 -9.85 -6.68 23.50
N GLY A 43 -9.87 -7.67 22.60
CA GLY A 43 -9.87 -7.42 21.18
C GLY A 43 -8.53 -7.57 20.51
N GLY A 44 -7.47 -7.79 21.27
CA GLY A 44 -6.15 -7.98 20.69
C GLY A 44 -5.14 -6.93 21.09
N GLN A 45 -5.27 -6.38 22.29
CA GLN A 45 -4.34 -5.39 22.83
C GLN A 45 -3.69 -5.93 24.10
N ARG A 46 -2.41 -6.29 24.01
CA ARG A 46 -1.66 -6.87 25.11
C ARG A 46 -1.47 -5.79 26.18
N SER A 47 -2.28 -5.85 27.23
CA SER A 47 -2.30 -4.74 28.19
C SER A 47 -2.79 -5.22 29.54
N THR A 48 -2.67 -4.34 30.51
CA THR A 48 -3.13 -4.48 31.88
C THR A 48 -4.36 -3.61 32.11
N PRO A 49 -5.08 -3.81 33.23
CA PRO A 49 -6.14 -2.85 33.57
C PRO A 49 -5.66 -1.41 33.71
N LEU A 50 -4.45 -1.21 34.25
CA LEU A 50 -3.91 0.14 34.37
C LEU A 50 -3.58 0.72 33.01
N ILE A 51 -3.08 -0.12 32.09
CA ILE A 51 -2.73 0.38 30.76
C ILE A 51 -3.98 0.80 29.99
N ILE A 52 -5.04 0.00 30.04
CA ILE A 52 -6.27 0.37 29.36
C ILE A 52 -6.97 1.53 30.07
N ALA A 53 -6.75 1.67 31.39
CA ALA A 53 -7.27 2.82 32.10
C ALA A 53 -6.58 4.11 31.66
N ALA A 54 -5.26 4.07 31.51
CA ALA A 54 -4.53 5.23 31.01
C ALA A 54 -4.89 5.53 29.57
N ARG A 55 -5.02 4.49 28.74
CA ARG A 55 -5.35 4.68 27.33
C ARG A 55 -6.74 5.28 27.16
N ASN A 56 -7.71 4.82 27.95
CA ASN A 56 -9.06 5.36 27.89
C ASN A 56 -9.22 6.64 28.71
N GLY A 57 -8.28 6.96 29.58
CA GLY A 57 -8.35 8.17 30.37
C GLY A 57 -8.98 7.98 31.74
N HIS A 58 -8.55 6.95 32.45
CA HIS A 58 -9.07 6.65 33.79
C HIS A 58 -7.90 6.71 34.77
N ALA A 59 -7.61 7.92 35.28
CA ALA A 59 -6.66 8.04 36.38
C ALA A 59 -7.25 7.54 37.70
N LYS A 60 -8.58 7.56 37.83
CA LYS A 60 -9.22 7.04 39.02
C LYS A 60 -9.04 5.53 39.13
N VAL A 61 -9.03 4.82 38.00
CA VAL A 61 -8.75 3.39 38.03
C VAL A 61 -7.28 3.13 38.38
N VAL A 62 -6.38 4.02 37.96
CA VAL A 62 -4.97 3.90 38.36
C VAL A 62 -4.84 4.09 39.87
N ARG A 63 -5.53 5.08 40.42
CA ARG A 63 -5.53 5.26 41.86
C ARG A 63 -6.24 4.11 42.58
N LEU A 64 -7.22 3.47 41.93
CA LEU A 64 -7.82 2.26 42.46
C LEU A 64 -6.80 1.13 42.58
N LEU A 65 -6.04 0.91 41.50
CA LEU A 65 -4.99 -0.11 41.51
C LEU A 65 -3.83 0.27 42.42
N LEU A 66 -3.73 1.53 42.84
CA LEU A 66 -2.75 1.94 43.83
C LEU A 66 -3.43 2.50 45.09
N GLU A 67 -4.58 1.93 45.46
CA GLU A 67 -5.27 2.36 46.67
C GLU A 67 -4.53 1.92 47.92
N HIS A 68 -4.41 0.61 48.13
CA HIS A 68 -3.74 0.05 49.29
C HIS A 68 -2.61 -0.89 48.90
N TYR A 69 -2.16 -0.81 47.65
CA TYR A 69 -1.15 -1.71 47.11
C TYR A 69 -0.51 -1.03 45.91
N ARG A 70 0.33 -1.76 45.17
CA ARG A 70 1.08 -1.17 44.08
C ARG A 70 1.35 -2.22 43.02
N VAL A 71 1.21 -1.84 41.75
CA VAL A 71 1.37 -2.74 40.62
C VAL A 71 2.48 -2.20 39.72
N GLN A 72 3.29 -3.12 39.18
CA GLN A 72 4.25 -2.75 38.15
C GLN A 72 3.54 -2.52 36.83
N THR A 73 3.79 -1.36 36.21
CA THR A 73 3.06 -0.94 35.03
C THR A 73 3.86 -0.93 33.75
N GLN A 74 5.20 -0.93 33.84
CA GLN A 74 6.05 -0.81 32.66
C GLN A 74 6.13 -2.17 31.98
N GLN A 75 5.23 -2.42 31.03
CA GLN A 75 5.18 -3.68 30.32
C GLN A 75 5.04 -3.43 28.82
N THR A 76 5.61 -4.33 28.03
CA THR A 76 5.47 -4.24 26.58
C THR A 76 4.10 -4.73 26.14
N GLY A 77 3.70 -4.31 24.95
CA GLY A 77 2.41 -4.73 24.41
C GLY A 77 2.13 -4.03 23.10
N THR A 78 1.24 -4.64 22.33
CA THR A 78 0.80 -4.10 21.04
C THR A 78 -0.60 -3.53 21.22
N VAL A 79 -0.68 -2.22 21.39
CA VAL A 79 -1.93 -1.53 21.65
C VAL A 79 -2.46 -0.96 20.33
N ARG A 80 -3.73 -1.21 20.04
CA ARG A 80 -4.37 -0.69 18.84
C ARG A 80 -4.95 0.69 19.18
N PHE A 81 -4.12 1.72 18.99
CA PHE A 81 -4.57 3.07 19.26
C PHE A 81 -5.52 3.53 18.15
N ASP A 82 -6.20 4.64 18.40
CA ASP A 82 -7.23 5.13 17.48
C ASP A 82 -6.63 5.44 16.13
N GLY A 83 -6.94 4.59 15.15
CA GLY A 83 -6.38 4.70 13.82
C GLY A 83 -5.50 3.54 13.41
N TYR A 84 -4.61 3.08 14.31
CA TYR A 84 -3.62 2.08 13.91
C TYR A 84 -3.06 1.38 15.14
N VAL A 85 -2.40 0.25 14.89
CA VAL A 85 -1.80 -0.55 15.95
C VAL A 85 -0.35 -0.13 16.14
N ILE A 86 0.15 -0.25 17.37
CA ILE A 86 1.54 0.04 17.70
C ILE A 86 2.06 -1.09 18.57
N ASP A 87 3.18 -1.68 18.16
CA ASP A 87 3.80 -2.76 18.91
C ASP A 87 4.82 -2.21 19.90
N GLY A 88 4.92 -2.87 21.06
CA GLY A 88 5.88 -2.46 22.07
C GLY A 88 5.44 -1.31 22.94
N ALA A 89 4.13 -1.03 23.00
CA ALA A 89 3.64 0.07 23.79
C ALA A 89 3.70 -0.25 25.28
N THR A 90 3.56 0.79 26.10
CA THR A 90 3.57 0.65 27.55
C THR A 90 2.57 1.64 28.14
N ALA A 91 2.44 1.61 29.47
CA ALA A 91 1.46 2.44 30.15
C ALA A 91 1.75 3.93 29.97
N LEU A 92 3.01 4.32 30.17
CA LEU A 92 3.38 5.72 29.98
C LEU A 92 3.23 6.15 28.54
N TRP A 93 3.59 5.27 27.60
CA TRP A 93 3.45 5.57 26.18
C TRP A 93 1.99 5.81 25.81
N CYS A 94 1.10 4.92 26.27
CA CYS A 94 -0.31 5.06 25.93
C CYS A 94 -0.95 6.25 26.63
N ALA A 95 -0.52 6.54 27.87
CA ALA A 95 -1.03 7.72 28.57
C ALA A 95 -0.59 9.00 27.86
N ALA A 96 0.65 9.02 27.36
CA ALA A 96 1.11 10.20 26.62
C ALA A 96 0.43 10.32 25.26
N GLY A 97 0.15 9.19 24.61
CA GLY A 97 -0.43 9.23 23.28
C GLY A 97 -1.88 9.68 23.26
N ALA A 98 -2.58 9.53 24.38
CA ALA A 98 -3.99 9.88 24.48
C ALA A 98 -4.21 11.30 25.00
N GLY A 99 -3.14 12.06 25.22
CA GLY A 99 -3.26 13.44 25.66
C GLY A 99 -3.86 13.62 27.05
N HIS A 100 -3.39 12.82 28.01
CA HIS A 100 -3.87 12.88 29.38
C HIS A 100 -2.70 13.31 30.28
N PHE A 101 -2.59 14.61 30.54
CA PHE A 101 -1.46 15.13 31.30
C PHE A 101 -1.47 14.63 32.74
N GLU A 102 -2.66 14.57 33.37
CA GLU A 102 -2.74 14.12 34.75
C GLU A 102 -2.33 12.67 34.90
N VAL A 103 -2.75 11.82 33.96
CA VAL A 103 -2.38 10.40 34.00
C VAL A 103 -0.88 10.24 33.79
N VAL A 104 -0.30 11.04 32.89
CA VAL A 104 1.14 10.99 32.64
C VAL A 104 1.90 11.40 33.90
N LYS A 105 1.46 12.48 34.56
CA LYS A 105 2.14 12.91 35.77
C LYS A 105 1.98 11.89 36.89
N LEU A 106 0.82 11.23 36.96
CA LEU A 106 0.61 10.18 37.96
C LEU A 106 1.54 8.99 37.71
N LEU A 107 1.72 8.62 36.43
CA LEU A 107 2.61 7.51 36.11
C LEU A 107 4.06 7.87 36.38
N VAL A 108 4.45 9.11 36.11
CA VAL A 108 5.82 9.54 36.38
C VAL A 108 6.09 9.58 37.88
N SER A 109 5.15 10.14 38.65
CA SER A 109 5.34 10.24 40.10
C SER A 109 5.37 8.86 40.75
N HIS A 110 4.52 7.95 40.29
CA HIS A 110 4.52 6.59 40.82
C HIS A 110 5.69 5.77 40.32
N GLY A 111 6.33 6.19 39.23
CA GLY A 111 7.47 5.47 38.70
C GLY A 111 7.19 4.79 37.38
N ALA A 112 7.62 5.42 36.29
CA ALA A 112 7.46 4.86 34.95
C ALA A 112 8.66 5.25 34.11
N ASN A 113 8.95 4.42 33.11
CA ASN A 113 10.11 4.63 32.24
C ASN A 113 9.78 5.73 31.24
N VAL A 114 10.45 6.89 31.39
CA VAL A 114 10.24 8.00 30.48
C VAL A 114 10.91 7.79 29.12
N ASN A 115 11.78 6.79 29.00
CA ASN A 115 12.48 6.48 27.76
C ASN A 115 12.15 5.07 27.30
N HIS A 116 10.95 4.58 27.62
CA HIS A 116 10.54 3.21 27.28
C HIS A 116 10.25 3.16 25.79
N THR A 117 11.32 2.93 25.02
CA THR A 117 11.19 2.82 23.57
C THR A 117 10.44 1.55 23.20
N THR A 118 9.63 1.65 22.16
CA THR A 118 8.82 0.53 21.69
C THR A 118 9.66 -0.40 20.82
N VAL A 119 9.01 -1.35 20.17
CA VAL A 119 9.70 -2.19 19.19
C VAL A 119 10.21 -1.35 18.03
N THR A 120 9.45 -0.33 17.64
CA THR A 120 9.87 0.63 16.63
C THR A 120 10.74 1.75 17.21
N ASN A 121 11.32 1.53 18.40
CA ASN A 121 12.26 2.48 19.03
C ASN A 121 11.63 3.87 19.19
N SER A 122 10.38 3.90 19.61
CA SER A 122 9.64 5.16 19.71
C SER A 122 9.57 5.60 21.16
N THR A 123 10.04 6.82 21.43
CA THR A 123 10.03 7.39 22.75
C THR A 123 8.63 7.85 23.14
N PRO A 124 8.31 7.87 24.43
CA PRO A 124 7.02 8.45 24.85
C PRO A 124 6.88 9.93 24.55
N LEU A 125 7.99 10.65 24.42
CA LEU A 125 7.94 12.07 24.12
C LEU A 125 7.31 12.32 22.75
N ARG A 126 7.80 11.63 21.72
CA ARG A 126 7.23 11.81 20.39
C ARG A 126 5.82 11.23 20.31
N ALA A 127 5.53 10.21 21.12
CA ALA A 127 4.18 9.66 21.19
C ALA A 127 3.20 10.72 21.70
N ALA A 128 3.60 11.46 22.74
CA ALA A 128 2.80 12.59 23.17
C ALA A 128 2.76 13.67 22.09
N CYS A 129 3.90 13.95 21.47
CA CYS A 129 4.01 15.04 20.50
C CYS A 129 3.22 14.79 19.23
N PHE A 130 2.81 13.55 18.96
CA PHE A 130 1.93 13.29 17.82
C PHE A 130 0.61 14.04 17.99
N ASP A 131 0.10 14.11 19.22
CA ASP A 131 -1.05 14.92 19.57
C ASP A 131 -0.62 15.92 20.63
N GLY A 132 0.50 16.59 20.37
CA GLY A 132 1.22 17.27 21.42
C GLY A 132 0.43 18.42 22.03
N ARG A 133 0.59 18.58 23.33
CA ARG A 133 0.12 19.72 24.09
C ARG A 133 1.30 20.27 24.88
N LEU A 134 1.25 21.57 25.18
CA LEU A 134 2.36 22.18 25.92
C LEU A 134 2.42 21.62 27.35
N ASP A 135 1.28 21.58 28.04
CA ASP A 135 1.26 21.17 29.43
C ASP A 135 1.65 19.72 29.61
N ILE A 136 1.33 18.86 28.64
CA ILE A 136 1.68 17.45 28.78
C ILE A 136 3.17 17.23 28.53
N VAL A 137 3.82 18.08 27.75
CA VAL A 137 5.22 17.87 27.41
C VAL A 137 6.16 18.62 28.35
N LYS A 138 5.64 19.61 29.11
CA LYS A 138 6.42 20.30 30.13
C LYS A 138 7.15 19.35 31.06
N TYR A 139 6.39 18.55 31.82
CA TYR A 139 7.02 17.64 32.77
C TYR A 139 7.75 16.51 32.07
N LEU A 140 7.29 16.08 30.89
CA LEU A 140 7.97 15.03 30.16
C LEU A 140 9.39 15.43 29.80
N VAL A 141 9.60 16.67 29.35
CA VAL A 141 10.96 17.11 29.09
C VAL A 141 11.66 17.52 30.37
N GLU A 142 10.91 17.80 31.44
CA GLU A 142 11.54 18.08 32.73
C GLU A 142 11.88 16.83 33.52
N ASN A 143 11.56 15.63 33.01
CA ASN A 143 11.97 14.39 33.65
C ASN A 143 13.31 13.88 33.14
N ASN A 144 14.17 14.78 32.64
CA ASN A 144 15.48 14.43 32.09
C ASN A 144 15.39 13.41 30.96
N ALA A 145 14.30 13.44 30.20
CA ALA A 145 14.12 12.58 29.05
C ALA A 145 14.70 13.29 27.83
N ASN A 146 15.69 12.65 27.19
CA ASN A 146 16.38 13.27 26.08
C ASN A 146 15.46 13.38 24.87
N ILE A 147 15.41 14.57 24.29
CA ILE A 147 14.62 14.80 23.08
C ILE A 147 15.38 14.44 21.81
N SER A 148 16.68 14.17 21.92
CA SER A 148 17.51 13.86 20.76
C SER A 148 17.55 12.37 20.43
N ILE A 149 16.77 11.55 21.14
CA ILE A 149 16.74 10.12 20.86
C ILE A 149 16.11 9.88 19.51
N ALA A 150 16.74 9.02 18.72
CA ALA A 150 16.31 8.77 17.34
C ALA A 150 15.10 7.83 17.32
N ASN A 151 14.75 7.34 16.14
CA ASN A 151 13.60 6.47 15.95
C ASN A 151 14.02 5.32 15.05
N LYS A 152 13.05 4.45 14.70
CA LYS A 152 13.31 3.41 13.72
C LYS A 152 13.62 4.02 12.36
N TYR A 153 12.90 5.07 11.98
CA TYR A 153 13.16 5.83 10.77
C TYR A 153 13.74 7.21 11.07
N ASP A 154 14.29 7.39 12.28
CA ASP A 154 14.91 8.64 12.72
C ASP A 154 13.93 9.81 12.71
N ASN A 155 12.66 9.54 12.96
CA ASN A 155 11.67 10.60 13.14
C ASN A 155 11.71 11.05 14.58
N THR A 156 12.42 12.14 14.85
CA THR A 156 12.56 12.65 16.21
C THR A 156 11.27 13.37 16.61
N CYS A 157 11.28 13.91 17.84
CA CYS A 157 10.12 14.64 18.34
C CYS A 157 9.88 15.91 17.54
N LEU A 158 10.95 16.60 17.16
CA LEU A 158 10.83 17.86 16.43
C LEU A 158 10.20 17.65 15.06
N MET A 159 10.60 16.59 14.35
CA MET A 159 10.09 16.34 13.01
C MET A 159 8.60 16.06 13.02
N ILE A 160 8.16 15.13 13.87
CA ILE A 160 6.74 14.80 13.93
C ILE A 160 5.92 15.96 14.50
N ALA A 161 6.49 16.72 15.45
CA ALA A 161 5.77 17.86 16.01
C ALA A 161 5.63 18.98 14.98
N ALA A 162 6.60 19.13 14.08
CA ALA A 162 6.46 20.08 13.00
C ALA A 162 5.50 19.59 11.94
N TYR A 163 5.43 18.26 11.73
CA TYR A 163 4.51 17.73 10.74
C TYR A 163 3.05 17.81 11.20
N LYS A 164 2.80 17.66 12.50
CA LYS A 164 1.44 17.52 13.00
C LYS A 164 0.83 18.82 13.51
N GLY A 165 1.35 19.98 13.08
CA GLY A 165 0.74 21.25 13.43
C GLY A 165 0.75 21.58 14.90
N HIS A 166 1.92 21.56 15.52
CA HIS A 166 2.08 21.65 16.96
C HIS A 166 3.05 22.77 17.32
N THR A 167 2.74 23.98 16.82
CA THR A 167 3.62 25.14 16.98
C THR A 167 4.05 25.37 18.43
N ASP A 168 3.14 25.15 19.38
CA ASP A 168 3.53 25.24 20.79
C ASP A 168 4.57 24.19 21.15
N VAL A 169 4.40 22.96 20.66
CA VAL A 169 5.34 21.89 20.95
C VAL A 169 6.71 22.19 20.34
N VAL A 170 6.75 22.62 19.09
CA VAL A 170 8.04 22.92 18.47
C VAL A 170 8.68 24.13 19.11
N ARG A 171 7.87 25.08 19.59
CA ARG A 171 8.41 26.23 20.31
C ARG A 171 9.10 25.79 21.59
N TYR A 172 8.41 24.97 22.38
CA TYR A 172 9.01 24.45 23.61
C TYR A 172 10.21 23.54 23.33
N LEU A 173 10.26 22.93 22.15
CA LEU A 173 11.39 22.09 21.82
C LEU A 173 12.62 22.92 21.46
N LEU A 174 12.47 23.86 20.52
CA LEU A 174 13.64 24.62 20.08
C LEU A 174 14.08 25.66 21.12
N GLU A 175 13.17 26.11 21.99
CA GLU A 175 13.57 27.01 23.06
C GLU A 175 14.39 26.30 24.13
N GLN A 176 14.41 24.96 24.12
CA GLN A 176 15.17 24.18 25.08
C GLN A 176 16.39 23.51 24.46
N ARG A 177 16.95 24.14 23.42
CA ARG A 177 18.19 23.69 22.76
C ARG A 177 18.05 22.28 22.21
N ALA A 178 17.12 22.12 21.26
CA ALA A 178 16.93 20.87 20.57
C ALA A 178 17.90 20.79 19.39
N ASP A 179 17.71 19.81 18.50
CA ASP A 179 18.58 19.65 17.36
C ASP A 179 17.94 20.27 16.12
N PRO A 180 18.45 21.40 15.62
CA PRO A 180 17.84 22.03 14.45
C PRO A 180 18.03 21.23 13.17
N ASN A 181 19.28 20.88 12.87
CA ASN A 181 19.63 20.20 11.62
C ASN A 181 19.66 18.68 11.81
N ALA A 182 18.60 18.14 12.40
CA ALA A 182 18.52 16.69 12.56
C ALA A 182 18.21 16.04 11.22
N LYS A 183 18.81 14.88 10.99
CA LYS A 183 18.68 14.17 9.72
C LYS A 183 17.83 12.93 9.93
N ALA A 184 16.72 12.84 9.21
CA ALA A 184 15.91 11.64 9.24
C ALA A 184 16.52 10.56 8.34
N HIS A 185 16.00 9.34 8.47
CA HIS A 185 16.49 8.25 7.62
C HIS A 185 16.15 8.50 6.15
N CYS A 186 15.03 9.17 5.89
CA CYS A 186 14.67 9.53 4.52
C CYS A 186 15.43 10.75 4.02
N GLY A 187 16.15 11.45 4.89
CA GLY A 187 16.96 12.58 4.51
C GLY A 187 16.37 13.94 4.83
N ALA A 188 15.07 14.01 5.13
CA ALA A 188 14.44 15.28 5.43
C ALA A 188 14.90 15.81 6.79
N THR A 189 14.97 17.13 6.92
CA THR A 189 15.56 17.75 8.09
C THR A 189 14.59 18.66 8.82
N ALA A 190 13.36 18.19 9.05
CA ALA A 190 12.35 18.82 9.89
C ALA A 190 11.81 20.12 9.32
N LEU A 191 12.36 20.57 8.19
CA LEU A 191 11.73 21.63 7.42
C LEU A 191 10.87 21.07 6.30
N HIS A 192 11.26 19.93 5.72
CA HIS A 192 10.44 19.29 4.72
C HIS A 192 9.11 18.83 5.32
N PHE A 193 9.14 18.28 6.53
CA PHE A 193 7.90 17.95 7.22
C PHE A 193 7.12 19.22 7.56
N ALA A 194 7.82 20.27 7.97
CA ALA A 194 7.15 21.53 8.30
C ALA A 194 6.54 22.17 7.06
N ALA A 195 7.15 21.95 5.90
CA ALA A 195 6.63 22.48 4.65
C ALA A 195 5.72 21.49 3.94
N GLU A 196 5.66 20.25 4.40
CA GLU A 196 4.73 19.28 3.82
C GLU A 196 3.29 19.57 4.18
N ALA A 197 3.03 20.00 5.41
CA ALA A 197 1.68 20.23 5.89
C ALA A 197 1.27 21.70 5.80
N GLY A 198 2.11 22.56 5.24
CA GLY A 198 1.77 23.96 5.05
C GLY A 198 1.53 24.75 6.32
N HIS A 199 2.34 24.51 7.34
CA HIS A 199 2.21 25.22 8.62
C HIS A 199 3.16 26.42 8.57
N ILE A 200 2.59 27.61 8.39
CA ILE A 200 3.41 28.81 8.18
C ILE A 200 4.11 29.22 9.48
N ASP A 201 3.42 29.10 10.62
CA ASP A 201 4.02 29.50 11.89
C ASP A 201 5.14 28.55 12.30
N ILE A 202 5.01 27.26 11.99
CA ILE A 202 6.06 26.30 12.32
C ILE A 202 7.33 26.60 11.53
N VAL A 203 7.20 26.86 10.23
CA VAL A 203 8.35 27.25 9.43
C VAL A 203 8.93 28.56 9.93
N LYS A 204 8.06 29.48 10.35
CA LYS A 204 8.52 30.75 10.89
C LYS A 204 9.38 30.55 12.13
N GLU A 205 8.94 29.68 13.04
CA GLU A 205 9.69 29.45 14.26
C GLU A 205 10.97 28.66 14.01
N LEU A 206 10.96 27.77 13.01
CA LEU A 206 12.19 27.02 12.72
C LEU A 206 13.24 27.90 12.06
N ILE A 207 12.84 28.72 11.09
CA ILE A 207 13.78 29.66 10.48
C ILE A 207 14.23 30.69 11.51
N LYS A 208 13.36 31.04 12.46
CA LYS A 208 13.74 31.94 13.54
C LYS A 208 14.89 31.36 14.37
N TRP A 209 14.84 30.05 14.64
CA TRP A 209 15.89 29.38 15.40
C TRP A 209 16.97 28.79 14.51
N ARG A 210 17.19 29.36 13.33
CA ARG A 210 18.30 29.03 12.44
C ARG A 210 18.26 27.57 12.00
N ALA A 211 17.16 27.21 11.34
CA ALA A 211 17.03 25.85 10.83
C ALA A 211 17.93 25.62 9.63
N ALA A 212 18.05 26.62 8.75
CA ALA A 212 18.83 26.60 7.51
C ALA A 212 18.32 25.59 6.49
N ILE A 213 18.63 25.81 5.22
CA ILE A 213 18.11 25.01 4.12
C ILE A 213 19.18 24.00 3.72
N VAL A 214 18.81 22.73 3.69
CA VAL A 214 19.70 21.67 3.24
C VAL A 214 18.87 20.63 2.49
N VAL A 215 19.42 20.12 1.39
CA VAL A 215 18.71 19.19 0.53
C VAL A 215 18.48 17.88 1.28
N ASN A 216 17.29 17.30 1.10
CA ASN A 216 16.96 16.03 1.73
C ASN A 216 17.59 14.89 0.93
N GLY A 217 17.24 13.65 1.29
CA GLY A 217 17.86 12.50 0.66
C GLY A 217 17.42 12.28 -0.78
N HIS A 218 16.25 12.80 -1.14
CA HIS A 218 15.69 12.55 -2.47
C HIS A 218 16.06 13.64 -3.47
N GLY A 219 17.09 14.43 -3.19
CA GLY A 219 17.51 15.48 -4.09
C GLY A 219 16.52 16.61 -4.26
N MET A 220 15.87 17.03 -3.18
CA MET A 220 14.92 18.13 -3.22
C MET A 220 15.18 19.06 -2.04
N THR A 221 15.25 20.36 -2.32
CA THR A 221 15.35 21.36 -1.28
C THR A 221 14.03 21.47 -0.52
N PRO A 222 14.06 21.96 0.72
CA PRO A 222 12.80 22.18 1.44
C PRO A 222 11.85 23.12 0.72
N LEU A 223 12.39 24.12 0.02
CA LEU A 223 11.56 24.99 -0.79
C LEU A 223 10.86 24.21 -1.90
N LYS A 224 11.60 23.30 -2.55
CA LYS A 224 10.99 22.50 -3.62
C LYS A 224 9.96 21.52 -3.06
N VAL A 225 10.17 21.02 -1.85
CA VAL A 225 9.17 20.16 -1.23
C VAL A 225 7.92 20.97 -0.89
N ALA A 226 8.10 22.22 -0.44
CA ALA A 226 6.96 23.08 -0.20
C ALA A 226 6.19 23.37 -1.48
N ALA A 227 6.91 23.59 -2.58
CA ALA A 227 6.26 23.83 -3.85
C ALA A 227 5.69 22.55 -4.45
N GLU A 228 6.11 21.38 -3.98
CA GLU A 228 5.59 20.13 -4.50
C GLU A 228 4.18 19.86 -3.98
N SER A 229 3.93 20.17 -2.71
CA SER A 229 2.65 19.86 -2.07
C SER A 229 1.65 21.01 -2.16
N CYS A 230 1.74 21.83 -3.20
CA CYS A 230 0.75 22.85 -3.56
C CYS A 230 0.64 23.97 -2.53
N LYS A 231 1.50 23.99 -1.51
CA LYS A 231 1.45 25.02 -0.49
C LYS A 231 2.05 26.30 -1.05
N ALA A 232 1.52 27.44 -0.60
CA ALA A 232 1.93 28.73 -1.14
C ALA A 232 2.60 29.64 -0.13
N ASP A 233 2.04 29.77 1.07
CA ASP A 233 2.57 30.70 2.06
C ASP A 233 3.97 30.29 2.51
N VAL A 234 4.19 28.98 2.72
CA VAL A 234 5.53 28.54 3.09
C VAL A 234 6.49 28.73 1.93
N VAL A 235 6.01 28.62 0.69
CA VAL A 235 6.86 28.89 -0.45
C VAL A 235 7.28 30.35 -0.48
N GLU A 236 6.35 31.26 -0.19
CA GLU A 236 6.70 32.69 -0.14
C GLU A 236 7.70 32.96 0.97
N LEU A 237 7.50 32.35 2.14
CA LEU A 237 8.45 32.55 3.23
C LEU A 237 9.83 32.01 2.88
N LEU A 238 9.89 30.82 2.28
CA LEU A 238 11.17 30.22 1.94
C LEU A 238 11.86 30.94 0.79
N LEU A 239 11.09 31.58 -0.07
CA LEU A 239 11.70 32.47 -1.06
C LEU A 239 12.19 33.74 -0.41
N SER A 240 11.60 34.13 0.72
CA SER A 240 12.06 35.26 1.50
C SER A 240 13.14 34.87 2.52
N HIS A 241 13.86 33.76 2.27
CA HIS A 241 14.90 33.29 3.17
C HIS A 241 16.15 34.16 3.15
N ALA A 242 16.27 35.04 2.17
CA ALA A 242 17.38 35.96 1.92
C ALA A 242 18.66 35.26 1.46
N ASP A 243 18.71 33.92 1.48
CA ASP A 243 19.77 33.16 0.83
C ASP A 243 19.09 32.04 0.05
N CYS A 244 18.73 32.34 -1.20
CA CYS A 244 18.00 31.41 -2.03
C CYS A 244 18.49 31.40 -3.48
N ASP A 245 19.30 32.39 -3.88
CA ASP A 245 19.79 32.56 -5.24
C ASP A 245 18.60 32.76 -6.18
N ARG A 246 18.79 32.68 -7.49
CA ARG A 246 17.72 32.91 -8.44
C ARG A 246 17.26 31.66 -9.16
N ARG A 247 18.19 30.81 -9.61
CA ARG A 247 17.83 29.60 -10.34
C ARG A 247 16.86 28.74 -9.54
N SER A 248 17.15 28.54 -8.25
CA SER A 248 16.22 27.84 -7.37
C SER A 248 14.90 28.57 -7.27
N ARG A 249 14.90 29.91 -7.33
CA ARG A 249 13.66 30.66 -7.19
C ARG A 249 12.75 30.44 -8.40
N ILE A 250 13.28 30.57 -9.62
CA ILE A 250 12.43 30.33 -10.79
C ILE A 250 11.99 28.87 -10.86
N GLU A 251 12.88 27.92 -10.55
CA GLU A 251 12.42 26.54 -10.64
C GLU A 251 11.39 26.23 -9.56
N ALA A 252 11.48 26.88 -8.40
CA ALA A 252 10.46 26.71 -7.38
C ALA A 252 9.12 27.30 -7.83
N LEU A 253 9.14 28.46 -8.48
CA LEU A 253 7.89 29.04 -8.96
C LEU A 253 7.25 28.16 -10.02
N GLU A 254 8.06 27.65 -10.96
CA GLU A 254 7.51 26.75 -11.96
C GLU A 254 6.94 25.48 -11.33
N LEU A 255 7.65 24.94 -10.33
CA LEU A 255 7.14 23.76 -9.64
C LEU A 255 5.86 24.06 -8.88
N LEU A 256 5.73 25.27 -8.33
CA LEU A 256 4.50 25.64 -7.63
C LEU A 256 3.32 25.69 -8.60
N GLY A 257 3.52 26.29 -9.77
CA GLY A 257 2.48 26.27 -10.78
C GLY A 257 2.13 24.86 -11.22
N ALA A 258 3.16 24.02 -11.40
CA ALA A 258 2.95 22.64 -11.79
C ALA A 258 2.12 21.88 -10.77
N SER A 259 2.43 22.06 -9.49
CA SER A 259 1.67 21.39 -8.44
C SER A 259 0.24 21.91 -8.40
N PHE A 260 0.05 23.22 -8.56
CA PHE A 260 -1.31 23.76 -8.60
C PHE A 260 -2.08 23.26 -9.82
N ALA A 261 -1.40 22.77 -10.85
CA ALA A 261 -2.12 22.27 -12.02
C ALA A 261 -2.89 21.00 -11.71
N ASN A 262 -2.28 20.04 -11.00
CA ASN A 262 -2.88 18.70 -10.86
C ASN A 262 -2.78 18.23 -9.40
N ASP A 263 -3.81 18.57 -8.61
CA ASP A 263 -3.97 18.02 -7.27
C ASP A 263 -5.40 18.29 -6.81
N ARG A 264 -6.07 17.26 -6.31
CA ARG A 264 -7.49 17.39 -5.99
C ARG A 264 -7.72 18.37 -4.85
N GLU A 265 -6.87 18.32 -3.81
CA GLU A 265 -7.07 19.17 -2.64
C GLU A 265 -6.91 20.64 -3.00
N ASN A 266 -5.91 20.97 -3.83
CA ASN A 266 -5.68 22.34 -4.30
C ASN A 266 -5.61 22.28 -5.82
N TYR A 267 -6.73 22.58 -6.47
CA TYR A 267 -6.81 22.60 -7.93
C TYR A 267 -7.30 23.97 -8.36
N ASP A 268 -6.40 24.76 -8.95
CA ASP A 268 -6.76 25.97 -9.67
C ASP A 268 -6.00 26.00 -10.98
N ILE A 269 -6.63 26.54 -12.01
CA ILE A 269 -5.95 26.65 -13.29
C ILE A 269 -5.52 28.08 -13.51
N ILE A 270 -6.26 29.03 -12.93
CA ILE A 270 -5.86 30.43 -12.98
C ILE A 270 -4.60 30.65 -12.14
N LYS A 271 -4.52 30.00 -10.98
CA LYS A 271 -3.31 30.08 -10.18
C LYS A 271 -2.14 29.42 -10.87
N THR A 272 -2.39 28.32 -11.59
CA THR A 272 -1.32 27.67 -12.34
C THR A 272 -0.78 28.58 -13.41
N TYR A 273 -1.67 29.16 -14.21
CA TYR A 273 -1.21 30.04 -15.29
C TYR A 273 -0.52 31.27 -14.73
N HIS A 274 -1.03 31.83 -13.63
CA HIS A 274 -0.41 33.02 -13.08
C HIS A 274 0.94 32.73 -12.45
N TYR A 275 1.10 31.57 -11.81
CA TYR A 275 2.40 31.23 -11.25
C TYR A 275 3.42 30.95 -12.35
N LEU A 276 3.02 30.22 -13.39
CA LEU A 276 3.93 29.97 -14.50
C LEU A 276 4.27 31.27 -15.22
N TYR A 277 3.32 32.19 -15.32
CA TYR A 277 3.58 33.46 -15.98
C TYR A 277 4.49 34.35 -15.14
N LEU A 278 4.34 34.32 -13.82
CA LEU A 278 5.27 35.02 -12.95
C LEU A 278 6.66 34.43 -13.09
N ALA A 279 6.75 33.10 -13.21
CA ALA A 279 8.05 32.47 -13.44
C ALA A 279 8.65 32.92 -14.76
N MET A 280 7.84 33.00 -15.81
CA MET A 280 8.34 33.46 -17.10
C MET A 280 8.81 34.90 -17.04
N LEU A 281 8.04 35.77 -16.39
CA LEU A 281 8.41 37.19 -16.35
C LEU A 281 9.66 37.41 -15.51
N GLU A 282 9.71 36.83 -14.31
CA GLU A 282 10.90 37.00 -13.48
C GLU A 282 12.09 36.23 -14.04
N ARG A 283 11.83 35.28 -14.94
CA ARG A 283 12.93 34.58 -15.61
C ARG A 283 13.61 35.48 -16.62
N PHE A 284 12.83 36.20 -17.42
CA PHE A 284 13.38 37.14 -18.41
C PHE A 284 13.43 38.55 -17.84
N GLN A 285 14.00 38.71 -16.65
CA GLN A 285 13.90 39.97 -15.95
C GLN A 285 14.85 41.04 -16.48
N ASP A 286 15.92 40.66 -17.17
CA ASP A 286 16.98 41.59 -17.51
C ASP A 286 17.27 41.72 -18.99
N GLY A 287 16.79 40.80 -19.83
CA GLY A 287 17.15 40.82 -21.22
C GLY A 287 18.49 40.15 -21.45
N ASP A 288 19.57 40.85 -21.08
CA ASP A 288 20.86 40.19 -20.99
C ASP A 288 20.87 39.29 -19.76
N ASN A 289 21.74 38.27 -19.81
CA ASN A 289 21.76 37.19 -18.81
C ASN A 289 20.37 36.56 -18.67
N ILE A 290 19.73 36.34 -19.81
CA ILE A 290 18.40 35.73 -19.84
C ILE A 290 18.51 34.26 -19.48
N LEU A 291 17.68 33.81 -18.54
CA LEU A 291 17.72 32.43 -18.05
C LEU A 291 16.90 31.56 -18.98
N GLU A 292 17.50 31.24 -20.13
CA GLU A 292 16.84 30.38 -21.10
C GLU A 292 16.60 29.00 -20.51
N LYS A 293 15.38 28.49 -20.69
CA LYS A 293 15.01 27.23 -20.08
C LYS A 293 15.68 26.07 -20.80
N GLU A 294 16.36 25.21 -20.06
CA GLU A 294 16.76 23.93 -20.60
C GLU A 294 15.55 23.02 -20.58
N VAL A 295 15.23 22.41 -21.72
CA VAL A 295 14.00 21.67 -21.89
C VAL A 295 14.33 20.26 -22.29
N LEU A 296 13.80 19.29 -21.55
CA LEU A 296 13.92 17.89 -21.93
C LEU A 296 13.11 17.64 -23.21
N PRO A 297 13.53 16.68 -24.04
CA PRO A 297 12.86 16.46 -25.31
C PRO A 297 11.43 15.99 -25.08
N PRO A 298 10.52 16.31 -26.02
CA PRO A 298 9.10 16.04 -25.80
C PRO A 298 8.81 14.56 -25.61
N ILE A 299 7.87 14.27 -24.71
CA ILE A 299 7.47 12.91 -24.38
C ILE A 299 6.04 12.71 -24.86
N HIS A 300 5.79 11.56 -25.50
CA HIS A 300 4.50 11.31 -26.14
C HIS A 300 3.35 11.21 -25.15
N ALA A 301 3.63 10.99 -23.87
CA ALA A 301 2.57 10.88 -22.89
C ALA A 301 1.83 12.20 -22.71
N TYR A 302 2.57 13.29 -22.52
CA TYR A 302 1.96 14.61 -22.35
C TYR A 302 1.68 15.27 -23.69
N GLY A 303 1.03 14.55 -24.59
CA GLY A 303 0.86 15.05 -25.94
C GLY A 303 2.21 15.19 -26.61
N ASN A 304 2.47 16.37 -27.17
CA ASN A 304 3.77 16.66 -27.76
C ASN A 304 4.21 18.08 -27.45
N ARG A 305 3.78 18.64 -26.32
CA ARG A 305 4.21 19.97 -25.93
C ARG A 305 5.67 19.93 -25.47
N THR A 306 6.30 21.10 -25.49
CA THR A 306 7.74 21.23 -25.23
C THR A 306 7.98 22.37 -24.25
N GLU A 307 7.21 22.38 -23.17
CA GLU A 307 7.18 23.47 -22.18
C GLU A 307 6.87 24.78 -22.90
N CYS A 308 7.38 25.88 -22.35
CA CYS A 308 7.24 27.19 -22.97
C CYS A 308 8.50 27.98 -22.62
N ARG A 309 9.34 28.23 -23.62
CA ARG A 309 10.56 28.99 -23.42
C ARG A 309 10.39 30.48 -23.70
N ASN A 310 9.16 30.92 -23.99
CA ASN A 310 8.89 32.29 -24.39
C ASN A 310 7.63 32.78 -23.71
N PRO A 311 7.47 34.09 -23.55
CA PRO A 311 6.24 34.62 -22.95
C PRO A 311 5.05 34.55 -23.89
N GLN A 312 5.30 34.66 -25.19
CA GLN A 312 4.22 34.60 -26.17
C GLN A 312 3.54 33.24 -26.16
N GLU A 313 4.33 32.16 -26.06
CA GLU A 313 3.74 30.83 -26.12
C GLU A 313 3.08 30.45 -24.80
N LEU A 314 3.53 31.02 -23.69
CA LEU A 314 2.76 30.85 -22.47
C LEU A 314 1.46 31.64 -22.52
N GLU A 315 1.46 32.79 -23.18
CA GLU A 315 0.22 33.52 -23.39
C GLU A 315 -0.73 32.76 -24.32
N SER A 316 -0.19 31.98 -25.25
CA SER A 316 -1.03 31.28 -26.21
C SER A 316 -1.82 30.15 -25.58
N ILE A 317 -1.31 29.55 -24.51
CA ILE A 317 -1.98 28.43 -23.85
C ILE A 317 -2.70 28.89 -22.58
N ARG A 318 -3.05 30.17 -22.49
CA ARG A 318 -3.69 30.71 -21.30
C ARG A 318 -5.09 30.13 -21.11
N GLN A 319 -5.92 30.19 -22.14
CA GLN A 319 -7.33 29.84 -22.01
C GLN A 319 -7.59 28.35 -22.10
N ASP A 320 -6.64 27.56 -22.60
CA ASP A 320 -6.86 26.15 -22.89
C ASP A 320 -6.47 25.34 -21.64
N ARG A 321 -7.48 24.76 -20.98
CA ARG A 321 -7.25 24.15 -19.67
C ARG A 321 -6.43 22.87 -19.78
N ASP A 322 -6.75 22.01 -20.75
CA ASP A 322 -6.01 20.76 -20.89
C ASP A 322 -4.57 21.00 -21.36
N ALA A 323 -4.37 22.03 -22.18
CA ALA A 323 -3.00 22.42 -22.54
C ALA A 323 -2.22 22.83 -21.31
N LEU A 324 -2.86 23.56 -20.39
CA LEU A 324 -2.19 23.92 -19.15
C LEU A 324 -1.96 22.73 -18.25
N HIS A 325 -2.87 21.74 -18.26
CA HIS A 325 -2.64 20.51 -17.51
C HIS A 325 -1.39 19.79 -18.00
N MET A 326 -1.27 19.65 -19.32
CA MET A 326 -0.08 19.03 -19.90
C MET A 326 1.16 19.85 -19.60
N GLU A 327 1.07 21.17 -19.69
CA GLU A 327 2.21 22.04 -19.41
C GLU A 327 2.67 21.89 -17.97
N GLY A 328 1.73 21.86 -17.03
CA GLY A 328 2.08 21.67 -15.64
C GLY A 328 2.72 20.31 -15.39
N LEU A 329 2.20 19.27 -16.03
CA LEU A 329 2.80 17.95 -15.91
C LEU A 329 4.23 17.96 -16.44
N ILE A 330 4.48 18.66 -17.56
CA ILE A 330 5.81 18.65 -18.15
C ILE A 330 6.81 19.42 -17.28
N VAL A 331 6.42 20.58 -16.75
CA VAL A 331 7.37 21.32 -15.91
C VAL A 331 7.58 20.59 -14.60
N ARG A 332 6.56 19.91 -14.06
CA ARG A 332 6.76 19.09 -12.87
C ARG A 332 7.73 17.96 -13.15
N GLU A 333 7.61 17.32 -14.32
CA GLU A 333 8.53 16.26 -14.70
C GLU A 333 9.95 16.78 -14.83
N ARG A 334 10.12 17.96 -15.41
CA ARG A 334 11.45 18.51 -15.60
C ARG A 334 12.10 18.90 -14.28
N ILE A 335 11.31 19.45 -13.35
CA ILE A 335 11.91 19.91 -12.10
C ILE A 335 12.13 18.75 -11.13
N LEU A 336 11.09 17.97 -10.87
CA LEU A 336 11.22 16.89 -9.89
C LEU A 336 12.05 15.72 -10.42
N GLY A 337 12.16 15.58 -11.73
CA GLY A 337 12.87 14.46 -12.31
C GLY A 337 12.01 13.22 -12.38
N ALA A 338 12.48 12.26 -13.20
CA ALA A 338 11.77 11.01 -13.38
C ALA A 338 11.99 10.02 -12.26
N ASP A 339 12.96 10.27 -11.38
CA ASP A 339 13.29 9.37 -10.29
C ASP A 339 12.63 9.78 -8.98
N ASN A 340 11.80 10.82 -8.98
CA ASN A 340 11.11 11.24 -7.78
C ASN A 340 9.97 10.29 -7.45
N ILE A 341 9.63 10.22 -6.17
CA ILE A 341 8.54 9.33 -5.73
C ILE A 341 7.19 10.00 -5.95
N ASP A 342 7.08 11.29 -5.61
CA ASP A 342 5.81 12.00 -5.69
C ASP A 342 5.66 12.77 -7.00
N VAL A 343 6.28 12.29 -8.08
CA VAL A 343 6.06 12.87 -9.40
C VAL A 343 4.99 12.11 -10.18
N SER A 344 4.75 10.85 -9.85
CA SER A 344 3.77 10.06 -10.58
C SER A 344 2.34 10.30 -10.12
N HIS A 345 2.15 10.90 -8.94
CA HIS A 345 0.78 11.13 -8.44
C HIS A 345 -0.03 12.09 -9.32
N PRO A 346 0.48 13.27 -9.70
CA PRO A 346 -0.32 14.09 -10.63
C PRO A 346 -0.55 13.46 -11.98
N ILE A 347 0.37 12.65 -12.47
CA ILE A 347 0.14 11.95 -13.73
C ILE A 347 -1.02 10.96 -13.58
N ILE A 348 -1.05 10.24 -12.46
CA ILE A 348 -2.14 9.32 -12.20
C ILE A 348 -3.46 10.08 -12.08
N TYR A 349 -3.45 11.22 -11.39
CA TYR A 349 -4.68 11.98 -11.22
C TYR A 349 -5.17 12.55 -12.54
N ARG A 350 -4.26 13.02 -13.39
CA ARG A 350 -4.67 13.55 -14.69
C ARG A 350 -5.20 12.44 -15.59
N GLY A 351 -4.58 11.27 -15.54
CA GLY A 351 -5.13 10.12 -16.24
C GLY A 351 -6.52 9.76 -15.74
N ALA A 352 -6.73 9.85 -14.43
CA ALA A 352 -8.03 9.58 -13.85
C ALA A 352 -9.07 10.58 -14.35
N VAL A 353 -8.72 11.86 -14.39
CA VAL A 353 -9.64 12.88 -14.87
C VAL A 353 -9.99 12.64 -16.33
N TYR A 354 -8.98 12.31 -17.15
CA TYR A 354 -9.24 12.00 -18.55
C TYR A 354 -10.10 10.74 -18.71
N ALA A 355 -9.94 9.77 -17.81
CA ALA A 355 -10.80 8.60 -17.82
C ALA A 355 -12.23 8.96 -17.46
N ASP A 356 -12.42 9.89 -16.53
CA ASP A 356 -13.78 10.30 -16.17
C ASP A 356 -14.44 11.10 -17.28
N ASN A 357 -13.65 11.76 -18.13
CA ASN A 357 -14.18 12.54 -19.25
C ASN A 357 -14.27 11.72 -20.53
N MET A 358 -14.18 10.39 -20.44
CA MET A 358 -14.31 9.46 -21.55
C MET A 358 -13.28 9.70 -22.65
N GLU A 359 -12.10 10.21 -22.30
CA GLU A 359 -10.97 10.29 -23.23
C GLU A 359 -9.94 9.27 -22.73
N PHE A 360 -10.12 8.03 -23.15
CA PHE A 360 -9.32 6.93 -22.61
C PHE A 360 -7.92 6.87 -23.19
N GLU A 361 -7.72 7.30 -24.43
CA GLU A 361 -6.44 7.13 -25.09
C GLU A 361 -5.35 7.94 -24.41
N GLN A 362 -5.64 9.22 -24.12
CA GLN A 362 -4.72 10.03 -23.35
C GLN A 362 -4.58 9.52 -21.92
N CYS A 363 -5.68 9.00 -21.36
CA CYS A 363 -5.61 8.35 -20.05
C CYS A 363 -4.64 7.17 -20.07
N ILE A 364 -4.72 6.34 -21.11
CA ILE A 364 -3.82 5.19 -21.21
C ILE A 364 -2.38 5.65 -21.34
N LYS A 365 -2.13 6.69 -22.15
CA LYS A 365 -0.77 7.18 -22.33
C LYS A 365 -0.20 7.72 -21.01
N LEU A 366 -0.98 8.55 -20.31
CA LEU A 366 -0.50 9.13 -19.06
C LEU A 366 -0.29 8.05 -18.00
N TRP A 367 -1.20 7.10 -17.90
CA TRP A 367 -1.05 6.05 -16.90
C TRP A 367 0.11 5.13 -17.24
N LEU A 368 0.38 4.90 -18.52
CA LEU A 368 1.56 4.11 -18.89
C LEU A 368 2.84 4.84 -18.51
N HIS A 369 2.88 6.16 -18.70
CA HIS A 369 4.04 6.93 -18.26
C HIS A 369 4.21 6.85 -16.75
N ALA A 370 3.11 7.00 -16.01
CA ALA A 370 3.17 6.92 -14.56
C ALA A 370 3.62 5.54 -14.08
N LEU A 371 3.12 4.49 -14.75
CA LEU A 371 3.50 3.13 -14.39
C LEU A 371 4.97 2.87 -14.68
N HIS A 372 5.48 3.38 -15.80
CA HIS A 372 6.91 3.24 -16.09
C HIS A 372 7.74 3.97 -15.06
N LEU A 373 7.34 5.18 -14.67
CA LEU A 373 8.10 5.93 -13.67
C LEU A 373 8.07 5.24 -12.32
N ARG A 374 6.91 4.68 -11.93
CA ARG A 374 6.82 4.00 -10.65
C ARG A 374 7.58 2.67 -10.67
N GLN A 375 7.63 1.99 -11.81
CA GLN A 375 8.35 0.73 -11.90
C GLN A 375 9.85 0.94 -11.92
N LYS A 376 10.31 2.02 -12.55
CA LYS A 376 11.74 2.34 -12.49
C LYS A 376 12.16 2.72 -11.08
N GLY A 377 11.22 3.22 -10.27
CA GLY A 377 11.49 3.45 -8.87
C GLY A 377 11.37 2.23 -7.98
N ASN A 378 10.89 1.11 -8.53
CA ASN A 378 10.77 -0.17 -7.84
C ASN A 378 9.90 -0.04 -6.58
N ARG A 379 8.64 0.31 -6.81
CA ARG A 379 7.68 0.55 -5.74
C ARG A 379 6.50 -0.40 -5.86
N ASN A 380 5.64 -0.36 -4.86
CA ASN A 380 4.43 -1.19 -4.84
C ASN A 380 3.41 -0.60 -5.80
N THR A 381 3.29 -1.20 -6.98
CA THR A 381 2.45 -0.68 -8.04
C THR A 381 1.26 -1.59 -8.35
N HIS A 382 0.83 -2.40 -7.38
CA HIS A 382 -0.31 -3.27 -7.61
C HIS A 382 -1.60 -2.48 -7.76
N LYS A 383 -1.73 -1.37 -7.03
CA LYS A 383 -2.89 -0.51 -7.20
C LYS A 383 -2.94 0.07 -8.61
N ASP A 384 -1.78 0.45 -9.15
CA ASP A 384 -1.74 1.00 -10.51
C ASP A 384 -2.11 -0.05 -11.55
N LEU A 385 -1.65 -1.29 -11.36
CA LEU A 385 -2.03 -2.36 -12.29
C LEU A 385 -3.52 -2.67 -12.21
N LEU A 386 -4.08 -2.63 -10.99
CA LEU A 386 -5.52 -2.81 -10.85
C LEU A 386 -6.28 -1.67 -11.52
N ARG A 387 -5.74 -0.46 -11.44
CA ARG A 387 -6.34 0.68 -12.14
C ARG A 387 -6.30 0.49 -13.65
N PHE A 388 -5.19 -0.05 -14.15
CA PHE A 388 -5.10 -0.39 -15.57
C PHE A 388 -6.15 -1.42 -15.97
N ALA A 389 -6.31 -2.46 -15.16
CA ALA A 389 -7.32 -3.47 -15.45
C ALA A 389 -8.72 -2.87 -15.45
N GLN A 390 -8.98 -1.97 -14.49
CA GLN A 390 -10.29 -1.33 -14.41
C GLN A 390 -10.56 -0.45 -15.64
N VAL A 391 -9.57 0.34 -16.06
CA VAL A 391 -9.82 1.22 -17.20
C VAL A 391 -9.92 0.43 -18.49
N PHE A 392 -9.16 -0.66 -18.62
CA PHE A 392 -9.32 -1.51 -19.81
C PHE A 392 -10.68 -2.19 -19.83
N SER A 393 -11.16 -2.63 -18.66
CA SER A 393 -12.49 -3.23 -18.59
C SER A 393 -13.56 -2.22 -18.92
N GLN A 394 -13.40 -0.98 -18.47
CA GLN A 394 -14.38 0.05 -18.84
C GLN A 394 -14.31 0.36 -20.33
N MET A 395 -13.12 0.32 -20.92
CA MET A 395 -13.01 0.51 -22.37
C MET A 395 -13.72 -0.60 -23.12
N ILE A 396 -13.59 -1.84 -22.65
CA ILE A 396 -14.27 -2.95 -23.32
C ILE A 396 -15.78 -2.86 -23.11
N HIS A 397 -16.21 -2.45 -21.92
CA HIS A 397 -17.63 -2.44 -21.58
C HIS A 397 -18.41 -1.41 -22.39
N LEU A 398 -17.78 -0.30 -22.76
CA LEU A 398 -18.37 0.67 -23.67
C LEU A 398 -18.16 0.31 -25.13
N ASN A 399 -17.72 -0.92 -25.42
CA ASN A 399 -17.45 -1.39 -26.78
C ASN A 399 -16.44 -0.52 -27.51
N GLU A 400 -15.50 0.05 -26.77
CA GLU A 400 -14.44 0.86 -27.34
C GLU A 400 -13.21 -0.01 -27.58
N THR A 401 -12.57 0.19 -28.73
CA THR A 401 -11.38 -0.58 -29.06
C THR A 401 -10.25 -0.25 -28.12
N VAL A 402 -9.47 -1.28 -27.77
CA VAL A 402 -8.31 -1.14 -26.89
C VAL A 402 -7.06 -1.44 -27.70
N LYS A 403 -6.10 -0.53 -27.64
CA LYS A 403 -4.90 -0.66 -28.45
C LYS A 403 -4.02 -1.77 -27.89
N ALA A 404 -3.67 -2.75 -28.74
CA ALA A 404 -2.88 -3.89 -28.29
C ALA A 404 -1.50 -3.55 -27.73
N PRO A 405 -0.72 -2.62 -28.28
CA PRO A 405 0.56 -2.29 -27.64
C PRO A 405 0.43 -1.77 -26.21
N ASP A 406 -0.68 -1.11 -25.87
CA ASP A 406 -0.90 -0.70 -24.49
C ASP A 406 -1.04 -1.90 -23.58
N ILE A 407 -1.80 -2.91 -24.02
CA ILE A 407 -1.95 -4.13 -23.24
C ILE A 407 -0.61 -4.85 -23.13
N GLU A 408 0.18 -4.83 -24.21
CA GLU A 408 1.50 -5.45 -24.15
C GLU A 408 2.39 -4.76 -23.12
N CYS A 409 2.37 -3.42 -23.10
CA CYS A 409 3.19 -2.67 -22.17
C CYS A 409 2.77 -2.94 -20.72
N VAL A 410 1.47 -2.92 -20.46
CA VAL A 410 1.01 -3.15 -19.09
C VAL A 410 1.24 -4.61 -18.69
N LEU A 411 1.21 -5.54 -19.64
CA LEU A 411 1.52 -6.94 -19.32
C LEU A 411 2.99 -7.10 -18.98
N ARG A 412 3.87 -6.43 -19.73
CA ARG A 412 5.29 -6.46 -19.39
C ARG A 412 5.53 -5.90 -17.99
N CYS A 413 4.88 -4.79 -17.68
CA CYS A 413 5.04 -4.18 -16.36
C CYS A 413 4.52 -5.10 -15.27
N SER A 414 3.38 -5.76 -15.50
CA SER A 414 2.82 -6.66 -14.49
C SER A 414 3.70 -7.88 -14.30
N VAL A 415 4.27 -8.42 -15.38
CA VAL A 415 5.17 -9.57 -15.26
C VAL A 415 6.40 -9.19 -14.45
N LEU A 416 6.99 -8.04 -14.76
CA LEU A 416 8.16 -7.58 -14.01
C LEU A 416 7.82 -7.37 -12.54
N GLU A 417 6.67 -6.76 -12.27
CA GLU A 417 6.30 -6.48 -10.89
C GLU A 417 5.99 -7.76 -10.13
N ILE A 418 5.44 -8.78 -10.79
CA ILE A 418 5.26 -10.08 -10.15
C ILE A 418 6.62 -10.73 -9.87
N GLU A 419 7.59 -10.52 -10.75
CA GLU A 419 8.95 -11.01 -10.47
C GLU A 419 9.51 -10.38 -9.20
N GLN A 420 9.45 -9.05 -9.09
CA GLN A 420 9.93 -8.43 -7.85
C GLN A 420 9.04 -8.74 -6.65
N SER A 421 7.76 -9.04 -6.87
CA SER A 421 6.90 -9.49 -5.78
C SER A 421 7.36 -10.85 -5.25
N MET A 422 7.73 -11.76 -6.16
CA MET A 422 8.29 -13.04 -5.74
C MET A 422 9.59 -12.84 -4.98
N ASN A 423 10.43 -11.92 -5.46
CA ASN A 423 11.67 -11.61 -4.75
C ASN A 423 11.41 -11.07 -3.35
N ARG A 424 10.42 -10.19 -3.21
CA ARG A 424 10.09 -9.62 -1.91
C ARG A 424 9.49 -10.66 -0.98
N VAL A 425 8.68 -11.57 -1.52
CA VAL A 425 8.10 -12.64 -0.71
C VAL A 425 9.20 -13.57 -0.21
N LYS A 426 10.14 -13.92 -1.07
CA LYS A 426 11.25 -14.77 -0.66
C LYS A 426 12.13 -14.07 0.37
N ASN A 427 12.35 -12.76 0.20
CA ASN A 427 13.21 -12.03 1.13
C ASN A 427 12.55 -11.83 2.48
N ILE A 428 11.28 -11.44 2.50
CA ILE A 428 10.58 -11.13 3.75
C ILE A 428 10.20 -12.43 4.43
N SER A 429 10.60 -12.57 5.70
CA SER A 429 10.30 -13.77 6.46
C SER A 429 9.01 -13.62 7.27
N ASP A 430 8.97 -12.62 8.17
CA ASP A 430 7.81 -12.46 9.04
C ASP A 430 7.50 -11.00 9.38
N ALA A 431 8.23 -10.04 8.81
CA ALA A 431 7.98 -8.64 9.14
C ALA A 431 6.63 -8.18 8.59
N ASP A 432 6.47 -8.25 7.27
CA ASP A 432 5.21 -7.97 6.59
C ASP A 432 4.94 -9.03 5.53
N VAL A 433 5.08 -10.30 5.93
CA VAL A 433 4.87 -11.41 5.02
C VAL A 433 3.41 -11.49 4.58
N HIS A 434 2.48 -11.15 5.48
CA HIS A 434 1.07 -11.13 5.09
C HIS A 434 0.79 -10.06 4.05
N ASN A 435 1.37 -8.88 4.22
CA ASN A 435 1.20 -7.80 3.24
C ASN A 435 1.83 -8.18 1.91
N ALA A 436 3.00 -8.82 1.94
CA ALA A 436 3.65 -9.25 0.71
C ALA A 436 2.82 -10.31 -0.02
N MET A 437 2.25 -11.26 0.72
CA MET A 437 1.41 -12.28 0.10
C MET A 437 0.12 -11.67 -0.45
N ASP A 438 -0.44 -10.69 0.24
CA ASP A 438 -1.63 -10.00 -0.27
C ASP A 438 -1.30 -9.27 -1.58
N ASN A 439 -0.16 -8.58 -1.62
CA ASN A 439 0.24 -7.90 -2.85
C ASN A 439 0.51 -8.87 -3.97
N TYR A 440 1.14 -10.01 -3.66
CA TYR A 440 1.39 -11.04 -4.67
C TYR A 440 0.09 -11.60 -5.24
N GLU A 441 -0.87 -11.91 -4.36
CA GLU A 441 -2.14 -12.46 -4.81
C GLU A 441 -2.92 -11.46 -5.64
N CYS A 442 -2.98 -10.21 -5.19
CA CYS A 442 -3.72 -9.20 -5.96
C CYS A 442 -3.02 -8.88 -7.26
N ASN A 443 -1.68 -8.99 -7.31
CA ASN A 443 -0.97 -8.79 -8.57
C ASN A 443 -1.25 -9.91 -9.54
N LEU A 444 -1.31 -11.15 -9.06
CA LEU A 444 -1.72 -12.26 -9.92
C LEU A 444 -3.13 -12.05 -10.45
N TYR A 445 -4.02 -11.55 -9.60
CA TYR A 445 -5.38 -11.27 -10.03
C TYR A 445 -5.40 -10.18 -11.11
N THR A 446 -4.58 -9.14 -10.94
CA THR A 446 -4.53 -8.07 -11.95
C THR A 446 -3.98 -8.59 -13.26
N PHE A 447 -2.96 -9.47 -13.20
CA PHE A 447 -2.42 -10.05 -14.42
C PHE A 447 -3.48 -10.89 -15.13
N LEU A 448 -4.27 -11.65 -14.38
CA LEU A 448 -5.32 -12.43 -15.02
C LEU A 448 -6.42 -11.54 -15.58
N TYR A 449 -6.73 -10.42 -14.92
CA TYR A 449 -7.69 -9.48 -15.49
C TYR A 449 -7.16 -8.93 -16.81
N LEU A 450 -5.87 -8.59 -16.86
CA LEU A 450 -5.28 -8.08 -18.08
C LEU A 450 -5.29 -9.13 -19.18
N VAL A 451 -5.04 -10.39 -18.83
CA VAL A 451 -5.09 -11.47 -19.82
C VAL A 451 -6.50 -11.63 -20.36
N CYS A 452 -7.51 -11.61 -19.47
CA CYS A 452 -8.89 -11.74 -19.89
C CYS A 452 -9.30 -10.59 -20.79
N ILE A 453 -8.84 -9.38 -20.49
CA ILE A 453 -9.09 -8.24 -21.36
C ILE A 453 -8.40 -8.43 -22.71
N SER A 454 -7.16 -8.94 -22.70
CA SER A 454 -6.43 -9.14 -23.93
C SER A 454 -7.07 -10.19 -24.82
N THR A 455 -7.80 -11.14 -24.23
CA THR A 455 -8.54 -12.11 -25.05
C THR A 455 -9.64 -11.44 -25.84
N LYS A 456 -10.29 -10.43 -25.26
CA LYS A 456 -11.44 -9.78 -25.88
C LYS A 456 -11.05 -8.62 -26.78
N THR A 457 -9.75 -8.32 -26.92
CA THR A 457 -9.29 -7.23 -27.76
C THR A 457 -8.72 -7.78 -29.05
N GLN A 458 -9.12 -7.20 -30.18
CA GLN A 458 -8.63 -7.66 -31.47
C GLN A 458 -7.16 -7.27 -31.63
N CYS A 459 -6.33 -8.25 -31.97
CA CYS A 459 -4.91 -8.04 -32.13
C CYS A 459 -4.43 -8.69 -33.42
N SER A 460 -3.34 -8.17 -33.96
CA SER A 460 -2.74 -8.72 -35.17
C SER A 460 -1.89 -9.94 -34.81
N GLU A 461 -1.13 -10.45 -35.77
CA GLU A 461 -0.25 -11.58 -35.50
C GLU A 461 0.91 -11.16 -34.60
N GLU A 462 1.52 -10.01 -34.87
CA GLU A 462 2.65 -9.55 -34.07
C GLU A 462 2.23 -9.17 -32.65
N ASP A 463 1.11 -8.47 -32.52
CA ASP A 463 0.62 -8.06 -31.21
C ASP A 463 0.25 -9.26 -30.35
N GLN A 464 -0.47 -10.21 -30.94
CA GLN A 464 -0.81 -11.43 -30.21
C GLN A 464 0.45 -12.24 -29.89
N CYS A 465 1.44 -12.22 -30.79
CA CYS A 465 2.69 -12.91 -30.52
C CYS A 465 3.41 -12.30 -29.32
N LYS A 466 3.45 -10.97 -29.23
CA LYS A 466 4.09 -10.32 -28.10
C LYS A 466 3.33 -10.58 -26.79
N ILE A 467 2.00 -10.53 -26.84
CA ILE A 467 1.20 -10.80 -25.65
C ILE A 467 1.39 -12.24 -25.20
N ASN A 468 1.38 -13.18 -26.15
CA ASN A 468 1.63 -14.59 -25.82
C ASN A 468 3.04 -14.80 -25.30
N LYS A 469 4.01 -14.02 -25.80
CA LYS A 469 5.36 -14.09 -25.25
C LYS A 469 5.39 -13.67 -23.79
N GLN A 470 4.65 -12.61 -23.45
CA GLN A 470 4.56 -12.19 -22.05
C GLN A 470 3.90 -13.25 -21.19
N ILE A 471 2.82 -13.85 -21.70
CA ILE A 471 2.11 -14.88 -20.94
C ILE A 471 3.01 -16.11 -20.76
N TYR A 472 3.73 -16.50 -21.81
CA TYR A 472 4.68 -17.60 -21.74
C TYR A 472 5.77 -17.33 -20.72
N ASN A 473 6.28 -16.10 -20.71
CA ASN A 473 7.30 -15.72 -19.74
C ASN A 473 6.78 -15.83 -18.31
N LEU A 474 5.54 -15.41 -18.07
CA LEU A 474 5.03 -15.50 -16.71
C LEU A 474 4.67 -16.92 -16.31
N ILE A 475 4.26 -17.76 -17.26
CA ILE A 475 4.06 -19.18 -16.95
C ILE A 475 5.37 -19.84 -16.56
N HIS A 476 6.45 -19.53 -17.27
CA HIS A 476 7.69 -20.24 -16.95
C HIS A 476 8.32 -19.83 -15.59
N LEU A 477 7.71 -18.96 -14.79
CA LEU A 477 8.10 -18.82 -13.39
C LEU A 477 7.20 -19.59 -12.44
N ASP A 478 6.03 -20.05 -12.91
CA ASP A 478 5.04 -20.79 -12.14
C ASP A 478 4.60 -20.03 -10.90
N PRO A 479 3.89 -18.91 -11.05
CA PRO A 479 3.46 -18.16 -9.87
C PRO A 479 2.38 -18.91 -9.10
N ARG A 480 2.41 -18.78 -7.78
CA ARG A 480 1.48 -19.50 -6.92
C ARG A 480 1.02 -18.60 -5.78
N THR A 481 -0.24 -18.77 -5.40
CA THR A 481 -0.85 -17.98 -4.34
C THR A 481 -0.66 -18.68 -2.99
N ARG A 482 -1.41 -18.22 -1.98
CA ARG A 482 -1.29 -18.78 -0.63
C ARG A 482 -1.64 -20.26 -0.61
N GLU A 483 -2.82 -20.61 -1.13
CA GLU A 483 -3.25 -22.01 -1.14
C GLU A 483 -2.85 -22.71 -2.43
N GLY A 484 -1.59 -22.55 -2.81
CA GLY A 484 -0.99 -23.30 -3.91
C GLY A 484 -1.58 -23.10 -5.29
N PHE A 485 -2.48 -22.12 -5.45
CA PHE A 485 -3.14 -21.92 -6.73
C PHE A 485 -2.13 -21.41 -7.76
N THR A 486 -1.92 -22.18 -8.82
CA THR A 486 -1.10 -21.72 -9.93
C THR A 486 -1.88 -20.69 -10.75
N LEU A 487 -1.28 -20.24 -11.84
CA LEU A 487 -1.96 -19.24 -12.66
C LEU A 487 -3.12 -19.85 -13.42
N LEU A 488 -3.05 -21.15 -13.70
CA LEU A 488 -4.19 -21.82 -14.35
C LEU A 488 -5.34 -22.02 -13.39
N HIS A 489 -5.03 -22.36 -12.13
CA HIS A 489 -6.08 -22.65 -11.15
C HIS A 489 -6.94 -21.43 -10.89
N LEU A 490 -6.34 -20.25 -10.80
CA LEU A 490 -7.12 -19.04 -10.55
C LEU A 490 -8.06 -18.73 -11.70
N ALA A 491 -7.59 -18.89 -12.93
CA ALA A 491 -8.47 -18.67 -14.08
C ALA A 491 -9.55 -19.74 -14.17
N VAL A 492 -9.27 -20.94 -13.68
CA VAL A 492 -10.27 -21.99 -13.63
C VAL A 492 -11.27 -21.75 -12.51
N ASN A 493 -10.80 -21.25 -11.37
CA ASN A 493 -11.62 -21.19 -10.16
C ASN A 493 -12.70 -20.12 -10.27
N SER A 494 -13.94 -20.49 -9.94
CA SER A 494 -15.01 -19.51 -9.82
C SER A 494 -14.84 -18.66 -8.57
N ASN A 495 -14.12 -19.16 -7.57
CA ASN A 495 -13.90 -18.44 -6.33
C ASN A 495 -12.79 -17.41 -6.43
N THR A 496 -12.20 -17.24 -7.61
CA THR A 496 -11.17 -16.23 -7.78
C THR A 496 -11.78 -14.84 -7.62
N PRO A 497 -11.22 -13.99 -6.75
CA PRO A 497 -11.85 -12.69 -6.48
C PRO A 497 -11.86 -11.79 -7.70
N VAL A 498 -12.99 -11.13 -7.90
CA VAL A 498 -13.17 -10.16 -8.97
C VAL A 498 -13.37 -8.80 -8.33
N ASP A 499 -12.65 -7.80 -8.83
CA ASP A 499 -12.75 -6.45 -8.29
C ASP A 499 -14.17 -5.91 -8.45
N ASP A 500 -14.67 -5.24 -7.41
CA ASP A 500 -16.04 -4.76 -7.39
C ASP A 500 -16.32 -3.68 -8.42
N PHE A 501 -15.28 -3.06 -8.98
CA PHE A 501 -15.45 -2.03 -9.99
C PHE A 501 -15.68 -2.66 -11.37
N HIS A 502 -15.53 -1.88 -12.44
CA HIS A 502 -15.96 -2.24 -13.79
C HIS A 502 -15.37 -3.54 -14.33
N THR A 503 -14.39 -4.14 -13.65
CA THR A 503 -13.90 -5.45 -14.07
C THR A 503 -15.00 -6.50 -14.04
N ASN A 504 -16.01 -6.32 -13.17
CA ASN A 504 -17.17 -7.20 -13.15
C ASN A 504 -17.88 -7.23 -14.50
N ASP A 505 -17.80 -6.15 -15.26
CA ASP A 505 -18.44 -6.13 -16.57
C ASP A 505 -17.67 -6.90 -17.62
N VAL A 506 -16.40 -7.23 -17.37
CA VAL A 506 -15.61 -7.89 -18.41
C VAL A 506 -15.03 -9.21 -17.91
N CYS A 507 -14.20 -9.14 -16.86
CA CYS A 507 -13.46 -10.30 -16.40
C CYS A 507 -14.31 -11.06 -15.40
N SER A 508 -14.81 -12.23 -15.81
CA SER A 508 -15.58 -13.10 -14.92
C SER A 508 -14.94 -14.47 -14.92
N PHE A 509 -14.59 -14.96 -13.72
CA PHE A 509 -14.00 -16.27 -13.69
C PHE A 509 -15.01 -17.30 -13.20
N PRO A 510 -15.04 -18.53 -13.74
CA PRO A 510 -14.15 -19.12 -14.75
C PRO A 510 -14.35 -18.54 -16.13
N ASN A 511 -13.27 -18.32 -16.88
CA ASN A 511 -13.35 -17.77 -18.22
C ASN A 511 -12.65 -18.74 -19.15
N ALA A 512 -13.38 -19.21 -20.17
CA ALA A 512 -12.84 -20.24 -21.05
C ALA A 512 -11.71 -19.70 -21.92
N LEU A 513 -11.82 -18.46 -22.36
CA LEU A 513 -10.81 -17.88 -23.24
C LEU A 513 -9.47 -17.76 -22.54
N VAL A 514 -9.48 -17.39 -21.25
CA VAL A 514 -8.24 -17.28 -20.49
C VAL A 514 -7.55 -18.64 -20.38
N THR A 515 -8.33 -19.68 -20.10
CA THR A 515 -7.75 -21.02 -19.99
C THR A 515 -7.23 -21.51 -21.34
N LYS A 516 -7.96 -21.22 -22.42
CA LYS A 516 -7.48 -21.60 -23.74
C LYS A 516 -6.18 -20.90 -24.08
N LEU A 517 -6.08 -19.61 -23.76
CA LEU A 517 -4.85 -18.87 -24.03
C LEU A 517 -3.70 -19.36 -23.17
N LEU A 518 -3.98 -19.70 -21.90
CA LEU A 518 -2.92 -20.14 -21.01
C LEU A 518 -2.41 -21.52 -21.40
N LEU A 519 -3.32 -22.43 -21.77
CA LEU A 519 -2.89 -23.75 -22.21
C LEU A 519 -2.19 -23.67 -23.56
N ASP A 520 -2.62 -22.76 -24.43
CA ASP A 520 -1.92 -22.56 -25.69
C ASP A 520 -0.58 -21.88 -25.50
N CYS A 521 -0.35 -21.25 -24.34
CA CYS A 521 0.93 -20.65 -24.01
C CYS A 521 1.80 -21.56 -23.16
N GLY A 522 1.38 -22.80 -22.93
CA GLY A 522 2.24 -23.77 -22.28
C GLY A 522 2.11 -23.83 -20.76
N ALA A 523 0.89 -23.72 -20.25
CA ALA A 523 0.69 -23.85 -18.82
C ALA A 523 0.86 -25.29 -18.38
N GLU A 524 1.37 -25.47 -17.16
CA GLU A 524 1.50 -26.80 -16.57
C GLU A 524 0.10 -27.31 -16.23
N VAL A 525 -0.45 -28.16 -17.09
CA VAL A 525 -1.86 -28.52 -16.99
C VAL A 525 -2.10 -29.48 -15.83
N ASN A 526 -1.07 -30.18 -15.36
CA ASN A 526 -1.21 -31.12 -14.27
C ASN A 526 -0.81 -30.54 -12.92
N ALA A 527 -0.64 -29.23 -12.84
CA ALA A 527 -0.22 -28.59 -11.60
C ALA A 527 -1.29 -28.74 -10.52
N VAL A 528 -0.84 -28.77 -9.27
CA VAL A 528 -1.72 -28.96 -8.13
C VAL A 528 -1.47 -27.84 -7.13
N ASP A 529 -2.45 -27.65 -6.25
CA ASP A 529 -2.37 -26.65 -5.19
C ASP A 529 -2.01 -27.32 -3.88
N ASN A 530 -2.02 -26.53 -2.79
CA ASN A 530 -1.76 -27.10 -1.47
C ASN A 530 -2.84 -28.09 -1.06
N GLU A 531 -4.09 -27.81 -1.44
CA GLU A 531 -5.19 -28.74 -1.21
C GLU A 531 -5.10 -29.98 -2.09
N GLY A 532 -4.23 -29.98 -3.08
CA GLY A 532 -4.04 -31.13 -3.94
C GLY A 532 -4.88 -31.16 -5.18
N ASN A 533 -5.85 -30.26 -5.31
CA ASN A 533 -6.69 -30.22 -6.50
C ASN A 533 -5.88 -29.78 -7.71
N SER A 534 -6.14 -30.41 -8.85
CA SER A 534 -5.59 -29.97 -10.12
C SER A 534 -6.52 -28.91 -10.71
N ALA A 535 -6.32 -28.56 -11.98
CA ALA A 535 -7.25 -27.68 -12.65
C ALA A 535 -8.60 -28.36 -12.85
N LEU A 536 -8.58 -29.66 -13.13
CA LEU A 536 -9.81 -30.38 -13.44
C LEU A 536 -10.72 -30.48 -12.24
N HIS A 537 -10.15 -30.69 -11.04
CA HIS A 537 -10.98 -30.74 -9.83
C HIS A 537 -11.66 -29.41 -9.59
N ILE A 538 -10.94 -28.31 -9.82
CA ILE A 538 -11.53 -27.00 -9.58
C ILE A 538 -12.61 -26.70 -10.60
N ILE A 539 -12.41 -27.12 -11.86
CA ILE A 539 -13.43 -26.80 -12.86
C ILE A 539 -14.64 -27.72 -12.75
N VAL A 540 -14.49 -28.95 -12.26
CA VAL A 540 -15.69 -29.76 -12.11
C VAL A 540 -16.48 -29.35 -10.88
N GLN A 541 -15.85 -28.68 -9.92
CA GLN A 541 -16.54 -28.17 -8.74
C GLN A 541 -17.27 -26.87 -9.01
N TYR A 542 -17.33 -26.43 -10.27
CA TYR A 542 -18.08 -25.25 -10.64
C TYR A 542 -19.56 -25.48 -10.36
N ASN A 543 -20.17 -24.57 -9.62
CA ASN A 543 -21.54 -24.74 -9.16
C ASN A 543 -22.57 -24.23 -10.16
N ARG A 544 -22.15 -23.72 -11.31
CA ARG A 544 -23.04 -23.14 -12.31
C ARG A 544 -22.82 -23.86 -13.64
N PRO A 545 -23.46 -25.02 -13.83
CA PRO A 545 -23.28 -25.77 -15.07
C PRO A 545 -24.25 -25.40 -16.18
N ILE A 546 -25.31 -24.65 -15.90
CA ILE A 546 -26.30 -24.31 -16.89
C ILE A 546 -26.20 -22.85 -17.34
N SER A 547 -25.85 -21.94 -16.43
CA SER A 547 -25.80 -20.51 -16.77
C SER A 547 -24.76 -20.23 -17.84
N ASP A 548 -23.58 -20.84 -17.75
CA ASP A 548 -22.51 -20.66 -18.70
C ASP A 548 -21.99 -22.01 -19.17
N PHE A 549 -22.92 -22.87 -19.60
CA PHE A 549 -22.57 -24.22 -20.05
C PHE A 549 -21.59 -24.20 -21.21
N LEU A 550 -21.67 -23.21 -22.09
CA LEU A 550 -20.71 -23.10 -23.18
C LEU A 550 -19.30 -22.85 -22.65
N THR A 551 -19.17 -21.96 -21.65
CA THR A 551 -17.87 -21.72 -21.03
C THR A 551 -17.34 -22.99 -20.38
N LEU A 552 -18.20 -23.71 -19.66
CA LEU A 552 -17.76 -24.93 -18.98
C LEU A 552 -17.32 -25.99 -19.98
N HIS A 553 -18.07 -26.16 -21.07
CA HIS A 553 -17.69 -27.15 -22.07
C HIS A 553 -16.40 -26.78 -22.76
N SER A 554 -16.22 -25.49 -23.10
CA SER A 554 -14.98 -25.07 -23.74
C SER A 554 -13.79 -25.27 -22.83
N ILE A 555 -13.92 -24.93 -21.55
CA ILE A 555 -12.77 -25.05 -20.66
C ILE A 555 -12.47 -26.51 -20.35
N ILE A 556 -13.50 -27.36 -20.25
CA ILE A 556 -13.25 -28.79 -20.01
C ILE A 556 -12.59 -29.43 -21.23
N ILE A 557 -13.05 -29.07 -22.44
CA ILE A 557 -12.41 -29.57 -23.65
C ILE A 557 -10.96 -29.12 -23.71
N SER A 558 -10.71 -27.84 -23.38
CA SER A 558 -9.34 -27.33 -23.41
C SER A 558 -8.45 -28.05 -22.42
N LEU A 559 -8.92 -28.27 -21.20
CA LEU A 559 -8.10 -28.93 -20.20
C LEU A 559 -7.85 -30.39 -20.54
N VAL A 560 -8.84 -31.07 -21.11
CA VAL A 560 -8.64 -32.47 -21.51
C VAL A 560 -7.66 -32.55 -22.67
N GLU A 561 -7.83 -31.70 -23.69
CA GLU A 561 -6.95 -31.73 -24.85
C GLU A 561 -5.53 -31.34 -24.47
N ALA A 562 -5.35 -30.47 -23.47
CA ALA A 562 -4.02 -30.10 -23.04
C ALA A 562 -3.28 -31.24 -22.35
N GLY A 563 -3.98 -32.31 -21.98
CA GLY A 563 -3.33 -33.53 -21.54
C GLY A 563 -3.40 -33.84 -20.06
N ALA A 564 -4.23 -33.14 -19.29
CA ALA A 564 -4.38 -33.47 -17.88
C ALA A 564 -5.05 -34.82 -17.72
N HIS A 565 -4.64 -35.56 -16.69
CA HIS A 565 -5.33 -36.80 -16.36
C HIS A 565 -6.75 -36.50 -15.92
N THR A 566 -7.69 -37.29 -16.42
CA THR A 566 -9.05 -37.28 -15.92
C THR A 566 -9.23 -38.23 -14.75
N ASP A 567 -8.14 -38.54 -14.05
CA ASP A 567 -8.16 -39.53 -12.97
C ASP A 567 -7.36 -39.14 -11.73
N MET A 568 -6.49 -38.13 -11.79
CA MET A 568 -5.59 -37.85 -10.68
C MET A 568 -6.35 -37.39 -9.45
N THR A 569 -5.84 -37.74 -8.28
CA THR A 569 -6.53 -37.48 -7.03
C THR A 569 -5.90 -36.29 -6.31
N ASN A 570 -6.68 -35.71 -5.40
CA ASN A 570 -6.21 -34.61 -4.58
C ASN A 570 -5.63 -35.15 -3.28
N LYS A 571 -5.38 -34.25 -2.32
CA LYS A 571 -4.84 -34.68 -1.02
C LYS A 571 -5.85 -35.53 -0.25
N GLN A 572 -7.13 -35.37 -0.52
CA GLN A 572 -8.16 -36.13 0.17
C GLN A 572 -8.49 -37.43 -0.54
N ASN A 573 -7.66 -37.85 -1.51
CA ASN A 573 -7.80 -39.11 -2.23
C ASN A 573 -9.18 -39.24 -2.89
N LYS A 574 -9.59 -38.19 -3.57
CA LYS A 574 -10.88 -38.16 -4.25
C LYS A 574 -10.66 -37.97 -5.73
N THR A 575 -11.14 -38.92 -6.52
CA THR A 575 -11.19 -38.76 -7.96
C THR A 575 -12.11 -37.59 -8.29
N PRO A 576 -11.77 -36.76 -9.29
CA PRO A 576 -12.63 -35.61 -9.61
C PRO A 576 -14.04 -35.99 -10.00
N LEU A 577 -14.25 -37.22 -10.48
CA LEU A 577 -15.61 -37.70 -10.70
C LEU A 577 -16.38 -37.76 -9.40
N ASP A 578 -15.71 -38.18 -8.32
CA ASP A 578 -16.33 -38.12 -7.00
C ASP A 578 -16.44 -36.69 -6.48
N LYS A 579 -15.68 -35.75 -7.05
CA LYS A 579 -15.74 -34.35 -6.67
C LYS A 579 -16.43 -33.49 -7.70
N SER A 580 -17.24 -34.10 -8.57
CA SER A 580 -17.88 -33.34 -9.64
C SER A 580 -19.06 -32.51 -9.14
N THR A 581 -19.72 -32.95 -8.07
CA THR A 581 -20.84 -32.30 -7.38
C THR A 581 -21.91 -31.74 -8.33
N THR A 582 -22.03 -32.34 -9.51
CA THR A 582 -22.89 -31.80 -10.55
C THR A 582 -23.11 -32.89 -11.60
N GLY A 583 -24.37 -33.17 -11.92
CA GLY A 583 -24.66 -34.18 -12.92
C GLY A 583 -24.15 -33.81 -14.30
N VAL A 584 -24.27 -32.53 -14.66
CA VAL A 584 -23.86 -32.09 -16.00
C VAL A 584 -22.36 -32.20 -16.16
N SER A 585 -21.61 -31.70 -15.19
CA SER A 585 -20.15 -31.78 -15.27
C SER A 585 -19.67 -33.23 -15.25
N GLU A 586 -20.31 -34.06 -14.44
CA GLU A 586 -19.95 -35.47 -14.39
C GLU A 586 -20.19 -36.16 -15.73
N ILE A 587 -21.32 -35.86 -16.38
CA ILE A 587 -21.60 -36.45 -17.68
C ILE A 587 -20.58 -35.98 -18.71
N LEU A 588 -20.25 -34.68 -18.70
CA LEU A 588 -19.27 -34.16 -19.65
C LEU A 588 -17.91 -34.80 -19.47
N LEU A 589 -17.46 -34.91 -18.22
CA LEU A 589 -16.14 -35.46 -17.97
C LEU A 589 -16.09 -36.95 -18.28
N LYS A 590 -17.16 -37.69 -17.96
CA LYS A 590 -17.22 -39.10 -18.33
C LYS A 590 -17.28 -39.28 -19.83
N THR A 591 -17.82 -38.31 -20.56
CA THR A 591 -17.74 -38.35 -22.01
C THR A 591 -16.31 -38.12 -22.49
N GLN A 592 -15.57 -37.25 -21.81
CA GLN A 592 -14.21 -36.95 -22.21
C GLN A 592 -13.16 -37.89 -21.63
N MET A 593 -13.53 -38.78 -20.71
CA MET A 593 -12.56 -39.69 -20.12
C MET A 593 -12.08 -40.70 -21.15
N LYS A 594 -10.79 -40.65 -21.47
CA LYS A 594 -10.18 -41.66 -22.34
C LYS A 594 -9.79 -42.85 -21.49
N MET A 595 -10.37 -44.01 -21.79
CA MET A 595 -10.08 -45.21 -21.02
C MET A 595 -8.64 -45.65 -21.25
N SER A 596 -8.00 -46.13 -20.19
CA SER A 596 -6.63 -46.61 -20.28
C SER A 596 -6.39 -47.63 -19.18
N LEU A 597 -5.74 -48.74 -19.54
CA LEU A 597 -5.46 -49.79 -18.57
C LEU A 597 -4.52 -49.32 -17.48
N LYS A 598 -3.65 -48.35 -17.79
CA LYS A 598 -2.69 -47.85 -16.83
C LYS A 598 -3.38 -47.20 -15.63
N CYS A 599 -4.36 -46.34 -15.89
CA CYS A 599 -5.10 -45.72 -14.81
C CYS A 599 -5.87 -46.75 -14.00
N LEU A 600 -6.44 -47.75 -14.67
CA LEU A 600 -7.20 -48.77 -13.95
C LEU A 600 -6.29 -49.57 -13.01
N ALA A 601 -5.11 -49.96 -13.49
CA ALA A 601 -4.19 -50.70 -12.64
C ALA A 601 -3.71 -49.84 -11.48
N ALA A 602 -3.40 -48.56 -11.74
CA ALA A 602 -2.92 -47.69 -10.68
C ALA A 602 -4.00 -47.46 -9.62
N ARG A 603 -5.23 -47.27 -10.05
CA ARG A 603 -6.31 -47.08 -9.10
C ARG A 603 -6.59 -48.36 -8.32
N ALA A 604 -6.43 -49.52 -8.95
CA ALA A 604 -6.57 -50.78 -8.21
C ALA A 604 -5.49 -50.91 -7.14
N VAL A 605 -4.26 -50.53 -7.47
CA VAL A 605 -3.17 -50.59 -6.50
C VAL A 605 -3.46 -49.63 -5.34
N ARG A 606 -3.94 -48.43 -5.64
CA ARG A 606 -4.25 -47.47 -4.58
C ARG A 606 -5.41 -47.94 -3.72
N ALA A 607 -6.42 -48.57 -4.33
CA ALA A 607 -7.59 -49.01 -3.58
C ALA A 607 -7.25 -50.17 -2.67
N ASN A 608 -6.48 -51.14 -3.16
CA ASN A 608 -6.04 -52.22 -2.30
C ASN A 608 -4.94 -51.80 -1.33
N ASP A 609 -4.34 -50.62 -1.56
CA ASP A 609 -3.26 -50.08 -0.72
C ASP A 609 -2.10 -51.05 -0.62
N ILE A 610 -1.66 -51.55 -1.77
CA ILE A 610 -0.51 -52.43 -1.82
C ILE A 610 0.75 -51.62 -1.62
N ASN A 611 1.69 -52.15 -0.83
CA ASN A 611 2.94 -51.46 -0.52
C ASN A 611 3.79 -51.40 -1.77
N TYR A 612 3.84 -50.22 -2.41
CA TYR A 612 4.53 -50.07 -3.69
C TYR A 612 5.87 -49.36 -3.57
N GLN A 613 6.22 -48.84 -2.40
CA GLN A 613 7.47 -48.11 -2.25
C GLN A 613 8.66 -49.04 -2.45
N ASP A 614 9.60 -48.61 -3.29
CA ASP A 614 10.80 -49.39 -3.65
C ASP A 614 10.44 -50.73 -4.28
N GLN A 615 9.34 -50.77 -5.03
CA GLN A 615 8.99 -51.96 -5.80
C GLN A 615 8.71 -51.67 -7.27
N ILE A 616 8.39 -50.44 -7.65
CA ILE A 616 7.93 -50.13 -9.00
C ILE A 616 8.79 -48.99 -9.54
N PRO A 617 8.80 -48.80 -10.87
CA PRO A 617 9.59 -47.70 -11.44
C PRO A 617 9.19 -46.34 -10.88
N ARG A 618 10.20 -45.47 -10.73
CA ARG A 618 10.03 -44.22 -10.00
C ARG A 618 9.02 -43.30 -10.66
N THR A 619 9.04 -43.21 -11.99
CA THR A 619 8.00 -42.48 -12.70
C THR A 619 6.64 -43.13 -12.49
N LEU A 620 6.59 -44.45 -12.58
CA LEU A 620 5.34 -45.15 -12.27
C LEU A 620 5.03 -45.07 -10.79
N GLU A 621 6.05 -44.93 -9.94
CA GLU A 621 5.81 -44.70 -8.52
C GLU A 621 5.04 -43.40 -8.30
N GLU A 622 5.46 -42.33 -8.98
CA GLU A 622 4.70 -41.08 -8.93
C GLU A 622 3.32 -41.26 -9.54
N PHE A 623 3.23 -42.00 -10.65
CA PHE A 623 1.98 -42.21 -11.37
C PHE A 623 0.93 -42.85 -10.46
N VAL A 624 1.32 -43.88 -9.71
CA VAL A 624 0.41 -44.41 -8.70
C VAL A 624 0.33 -43.46 -7.51
N GLY A 625 1.31 -42.56 -7.38
CA GLY A 625 1.24 -41.56 -6.33
C GLY A 625 0.03 -40.67 -6.45
N PHE A 626 -0.31 -40.24 -7.65
CA PHE A 626 -1.50 -39.39 -7.76
C PHE A 626 -2.75 -40.13 -8.23
N HIS A 627 -2.66 -41.14 -9.09
CA HIS A 627 -3.77 -42.09 -9.19
C HIS A 627 -3.94 -42.88 -7.90
N THR B 177 -13.84 5.28 -0.41
CA THR B 177 -14.47 5.56 -1.69
C THR B 177 -13.45 5.51 -2.82
N LYS B 178 -12.94 4.31 -3.09
CA LYS B 178 -11.94 4.07 -4.11
C LYS B 178 -12.57 3.83 -5.48
N TYR B 179 -13.90 3.66 -5.54
CA TYR B 179 -14.56 3.16 -6.74
C TYR B 179 -14.35 4.09 -7.93
N THR B 180 -14.42 5.39 -7.71
CA THR B 180 -14.14 6.34 -8.79
C THR B 180 -12.69 6.24 -9.23
N PHE B 181 -12.43 6.56 -10.50
CA PHE B 181 -11.10 6.37 -11.05
C PHE B 181 -10.07 7.30 -10.43
N PHE B 182 -10.50 8.32 -9.69
CA PHE B 182 -9.64 9.21 -8.91
C PHE B 182 -8.69 8.38 -8.06
N PRO B 183 -7.42 8.78 -7.95
CA PRO B 183 -6.37 7.90 -7.40
C PRO B 183 -6.69 7.46 -5.99
N PRO B 184 -6.55 6.16 -5.70
CA PRO B 184 -6.75 5.69 -4.32
C PRO B 184 -5.82 6.33 -3.32
N LYS B 185 -4.58 6.60 -3.74
CA LYS B 185 -3.65 7.33 -2.89
C LYS B 185 -4.13 8.77 -2.72
N LYS B 186 -4.06 9.27 -1.49
CA LYS B 186 -4.42 10.66 -1.24
C LYS B 186 -3.49 11.60 -1.98
N SER B 187 -2.23 11.65 -1.57
CA SER B 187 -1.18 12.31 -2.35
C SER B 187 0.10 11.50 -2.22
N HIS B 188 -0.03 10.24 -1.81
CA HIS B 188 1.06 9.46 -1.22
C HIS B 188 1.68 10.29 -0.11
N GLY B 189 2.82 10.91 -0.39
CA GLY B 189 3.43 11.83 0.55
C GLY B 189 4.09 11.20 1.74
N SER B 190 4.05 9.87 1.87
CA SER B 190 4.73 9.19 2.96
C SER B 190 6.17 8.86 2.62
N CYS B 191 6.70 9.43 1.53
CA CYS B 191 8.09 9.22 1.13
C CYS B 191 9.05 9.72 2.19
N ALA B 192 9.05 11.03 2.44
CA ALA B 192 9.96 11.60 3.43
C ALA B 192 9.48 11.37 4.86
N PRO B 193 8.21 11.59 5.22
CA PRO B 193 7.76 11.14 6.55
C PRO B 193 7.22 9.73 6.53
N PRO B 194 7.84 8.81 7.26
CA PRO B 194 7.11 7.60 7.65
C PRO B 194 6.15 7.96 8.77
N VAL B 195 4.84 7.86 8.50
CA VAL B 195 3.85 8.39 9.42
C VAL B 195 3.88 7.62 10.73
N SER B 196 4.11 8.34 11.82
CA SER B 196 4.16 7.72 13.14
C SER B 196 2.78 7.20 13.52
N ARG B 197 2.77 6.09 14.27
CA ARG B 197 1.49 5.46 14.70
C ARG B 197 0.69 5.07 13.46
N ALA B 198 1.36 4.52 12.44
CA ALA B 198 0.70 4.09 11.22
C ALA B 198 1.44 2.90 10.64
N GLY B 199 0.81 1.73 10.67
CA GLY B 199 1.42 0.51 10.17
C GLY B 199 0.59 -0.73 10.44
#